data_7G6F
#
_entry.id   7G6F
#
_cell.length_a   84.775
_cell.length_b   92.223
_cell.length_c   119.988
_cell.angle_alpha   90.000
_cell.angle_beta   90.000
_cell.angle_gamma   90.000
#
_symmetry.space_group_name_H-M   'P 21 21 21'
#
loop_
_entity.id
_entity.type
_entity.pdbx_description
1 polymer 'Isoform 2 of Ectonucleotide pyrophosphatase/phosphodiesterase family member 2'
2 branched alpha-D-mannopyranose-(1-2)-alpha-D-mannopyranose-(1-3)-alpha-D-mannopyranose-(1-6)-beta-D-mannopyranose-(1-4)-2-acetamido-2-deoxy-beta-D-glucopyranose-(1-4)-2-acetamido-2-deoxy-beta-D-glucopyranose
3 non-polymer (3S)-3-{2-[6-(4-acetylpiperazin-1-yl)-4-oxoquinazolin-3(4H)-yl]acetamido}-N-methyl-3-(4-nitrophenyl)propanamide
4 non-polymer 'ACETATE ION'
5 non-polymer 'POTASSIUM ION'
6 non-polymer 'CALCIUM ION'
7 non-polymer 'ZINC ION'
8 non-polymer 'SODIUM ION'
9 non-polymer 'CHLORIDE ION'
10 water water
#
_entity_poly.entity_id   1
_entity_poly.type   'polypeptide(L)'
_entity_poly.pdbx_seq_one_letter_code
;FTASRIKRAEWDEGPPTVLSDSPWTATSGSCKGRCFELQEVGPPDCRCDNLCKSYSSCCHDFDELCLKTARGWECTKDRC
GEVRNEENACHCSEDCLSRGDCCTNYQVVCKGESHWVDDDCEEIKVPECPAGFVRPPLIIFSVDGFRASYMKKGSKVMPN
IEKLRSCGTHAPYMRPVYPTKTFPNLYTLATGLYPESHGIVGNSMYDPVFDASFHLRGREKFNHRWWGGQPLWITATKQG
VRAGTFFWSVSIPHERRILTILQWLSLPDNERPSVYAFYSEQPDFSGHKYGPFGPEMTNPLREIDKTVGQLMDGLKQLRL
HRCVNVIFVGDHGMEDVTCDRTEFLSNYLTNVDDITLVPGTLGRIRAKSINNSKYDPKTIIAALTCKKPDQHFKPYMKQH
LPKRLHYANNRRIEDIHLLVDRRWHVARKPLDVYKKPSGKCFFQGDHGFDNKVNSMQTVFVGYGPTFKYRTKVPPFENIE
LYNVMCDLLGLKPAPNNGTHGSLNHLLRTNTFRPTMPDEVSRPNYPGIMYLQSEFDLGCTCDDKVEPKNKLEELNKRLHT
KGSTKERHLLYGRPAVLYRTSYDILYHTDFESGYSEIFLMPLWTSYTISKQAEVSSIPEHLTNCVRPDVRVSPGFSQNCL
AYKNDKQMSYGFLFPPYLSSSPEAKYDAFLVTNMVPMYPAFKRVWAYFQRVLVKKYASERNGVNVISGPIFDYNYDGLRD
TEDEIKQYVEGSSIPVPTHYYSIITSCLDFTQPADKCDGPLSVSSFILPHRPDNDESCNSSEDESKWVEELMKMHTARVR
DIEHLTGLDFYRKTSRSYSEILTLKTYLHTYESEIGGRHHHHHHHH
;
_entity_poly.pdbx_strand_id   A
#
loop_
_chem_comp.id
_chem_comp.type
_chem_comp.name
_chem_comp.formula
ACT non-polymer 'ACETATE ION' 'C2 H3 O2 -1'
BMA D-saccharide, beta linking beta-D-mannopyranose 'C6 H12 O6'
CA non-polymer 'CALCIUM ION' 'Ca 2'
CL non-polymer 'CHLORIDE ION' 'Cl -1'
K non-polymer 'POTASSIUM ION' 'K 1'
MAN D-saccharide, alpha linking alpha-D-mannopyranose 'C6 H12 O6'
NA non-polymer 'SODIUM ION' 'Na 1'
NAG D-saccharide, beta linking 2-acetamido-2-deoxy-beta-D-glucopyranose 'C8 H15 N O6'
Y7E non-polymer (3S)-3-{2-[6-(4-acetylpiperazin-1-yl)-4-oxoquinazolin-3(4H)-yl]acetamido}-N-methyl-3-(4-nitrophenyl)propanamide 'C26 H29 N7 O6'
ZN non-polymer 'ZINC ION' 'Zn 2'
#
# COMPACT_ATOMS: atom_id res chain seq x y z
N SER A 28 6.00 -42.64 18.40
CA SER A 28 5.80 -42.77 19.88
C SER A 28 7.11 -42.64 20.69
N GLY A 29 7.73 -41.46 20.56
CA GLY A 29 8.68 -40.95 21.56
C GLY A 29 7.94 -40.07 22.57
N SER A 30 8.66 -39.19 23.27
CA SER A 30 8.05 -38.36 24.31
C SER A 30 8.43 -36.86 24.23
N CYS A 31 7.57 -36.00 24.75
CA CYS A 31 7.82 -34.55 24.78
C CYS A 31 8.35 -34.09 26.12
N LYS A 32 8.74 -35.01 27.00
CA LYS A 32 9.23 -34.56 28.32
C LYS A 32 10.52 -33.76 28.09
N GLY A 33 10.63 -32.59 28.73
CA GLY A 33 11.77 -31.70 28.49
C GLY A 33 11.90 -31.05 27.10
N ARG A 34 11.04 -31.45 26.17
CA ARG A 34 11.06 -30.97 24.78
C ARG A 34 9.91 -29.99 24.47
N CYS A 35 9.14 -29.56 25.47
CA CYS A 35 7.90 -28.80 25.18
C CYS A 35 8.17 -27.48 24.43
N PHE A 36 7.55 -27.31 23.25
CA PHE A 36 7.77 -26.12 22.41
C PHE A 36 9.22 -25.90 21.97
N GLU A 37 9.91 -27.00 21.73
CA GLU A 37 11.23 -26.98 21.10
C GLU A 37 11.19 -26.15 19.81
N LEU A 38 12.27 -25.41 19.55
CA LEU A 38 12.26 -24.50 18.43
C LEU A 38 12.47 -25.19 17.10
N GLN A 39 13.37 -26.19 17.06
CA GLN A 39 13.66 -26.91 15.81
C GLN A 39 12.72 -28.08 15.60
N GLU A 40 12.20 -28.20 14.38
CA GLU A 40 11.33 -29.29 13.99
C GLU A 40 12.13 -30.58 13.78
N VAL A 41 11.74 -31.67 14.45
CA VAL A 41 12.51 -32.93 14.33
C VAL A 41 12.07 -33.80 13.16
N GLY A 42 13.03 -34.58 12.66
CA GLY A 42 12.88 -35.38 11.44
C GLY A 42 11.86 -36.49 11.56
N PRO A 43 11.09 -36.74 10.49
CA PRO A 43 10.09 -37.82 10.48
C PRO A 43 10.77 -39.20 10.48
N PRO A 44 10.05 -40.26 10.92
CA PRO A 44 8.72 -40.18 11.55
C PRO A 44 8.81 -40.01 13.09
N ASP A 45 9.94 -39.50 13.58
CA ASP A 45 10.16 -39.23 15.01
C ASP A 45 9.27 -38.06 15.49
N CYS A 46 8.46 -38.30 16.52
CA CYS A 46 7.40 -37.37 16.94
C CYS A 46 7.90 -35.96 17.36
N ARG A 47 7.01 -34.99 17.15
CA ARG A 47 7.32 -33.57 17.27
C ARG A 47 6.76 -32.99 18.57
N CYS A 48 7.38 -31.91 19.06
CA CYS A 48 6.92 -31.17 20.26
C CYS A 48 6.93 -29.63 20.06
N ASP A 49 7.15 -29.19 18.82
CA ASP A 49 7.17 -27.78 18.46
C ASP A 49 5.74 -27.22 18.33
N ASN A 50 5.63 -25.89 18.26
CA ASN A 50 4.37 -25.18 18.21
C ASN A 50 3.52 -25.47 16.97
N LEU A 51 4.01 -26.27 16.03
CA LEU A 51 3.21 -26.64 14.88
C LEU A 51 2.80 -28.11 14.82
N CYS A 52 3.25 -28.94 15.77
CA CYS A 52 3.03 -30.39 15.65
C CYS A 52 1.54 -30.73 15.55
N LYS A 53 0.70 -30.00 16.29
CA LYS A 53 -0.76 -30.22 16.26
C LYS A 53 -1.37 -30.02 14.88
N SER A 54 -0.83 -29.07 14.11
CA SER A 54 -1.35 -28.82 12.75
C SER A 54 -1.12 -30.03 11.84
N TYR A 55 -0.01 -30.72 12.07
CA TYR A 55 0.41 -31.85 11.25
C TYR A 55 -0.02 -33.20 11.85
N SER A 56 -0.74 -33.13 12.99
CA SER A 56 -1.18 -34.32 13.72
C SER A 56 -0.01 -35.20 14.09
N SER A 57 1.12 -34.61 14.48
CA SER A 57 2.35 -35.38 14.56
C SER A 57 3.05 -35.20 15.89
N CYS A 58 2.32 -34.68 16.87
CA CYS A 58 2.89 -34.47 18.20
C CYS A 58 3.10 -35.82 18.85
N CYS A 59 4.01 -35.91 19.82
CA CYS A 59 4.10 -37.11 20.68
C CYS A 59 2.80 -37.30 21.46
N HIS A 60 2.54 -38.56 21.85
CA HIS A 60 1.30 -38.88 22.54
C HIS A 60 1.09 -38.13 23.82
N ASP A 61 2.17 -37.70 24.45
CA ASP A 61 2.04 -36.93 25.69
C ASP A 61 2.11 -35.41 25.49
N PHE A 62 2.01 -34.94 24.24
CA PHE A 62 2.06 -33.49 24.03
C PHE A 62 1.02 -32.75 24.89
N ASP A 63 -0.25 -33.17 24.83
CA ASP A 63 -1.28 -32.49 25.64
C ASP A 63 -0.96 -32.46 27.11
N GLU A 64 -0.62 -33.64 27.62
CA GLU A 64 -0.28 -33.85 29.03
C GLU A 64 0.87 -32.93 29.47
N LEU A 65 1.97 -32.94 28.73
CA LEU A 65 3.18 -32.24 29.19
C LEU A 65 3.23 -30.79 28.73
N CYS A 66 2.80 -30.52 27.50
CA CYS A 66 2.94 -29.21 26.87
C CYS A 66 1.68 -28.32 26.90
N LEU A 67 0.50 -28.89 27.15
CA LEU A 67 -0.68 -28.04 27.25
C LEU A 67 -1.36 -28.14 28.59
N LYS A 68 -0.60 -27.92 29.65
CA LYS A 68 -1.14 -27.93 31.02
C LYS A 68 -2.08 -26.76 31.19
N THR A 69 -3.21 -27.00 31.87
CA THR A 69 -4.19 -25.96 32.22
C THR A 69 -4.54 -25.90 33.71
N ALA A 70 -4.11 -26.90 34.49
CA ALA A 70 -4.52 -26.98 35.91
C ALA A 70 -4.27 -25.69 36.73
N ARG A 71 -5.34 -25.17 37.32
CA ARG A 71 -5.34 -24.02 38.23
C ARG A 71 -5.35 -22.66 37.52
N GLY A 72 -5.49 -22.67 36.19
CA GLY A 72 -5.67 -21.44 35.43
C GLY A 72 -4.35 -20.71 35.21
N TRP A 73 -4.43 -19.40 34.94
CA TRP A 73 -3.25 -18.63 34.51
C TRP A 73 -2.84 -17.50 35.47
N GLU A 74 -3.40 -17.52 36.69
CA GLU A 74 -3.10 -16.49 37.71
C GLU A 74 -2.68 -17.02 39.07
N CYS A 75 -1.68 -16.38 39.69
CA CYS A 75 -1.38 -16.68 41.08
C CYS A 75 -2.42 -15.97 41.94
N THR A 76 -2.86 -16.67 42.99
CA THR A 76 -3.67 -16.09 44.06
C THR A 76 -2.83 -16.17 45.32
N LYS A 77 -3.19 -15.39 46.35
CA LYS A 77 -2.39 -15.39 47.59
C LYS A 77 -2.12 -16.77 48.17
N ASP A 78 -3.11 -17.65 48.20
CA ASP A 78 -2.96 -18.98 48.78
C ASP A 78 -1.91 -19.86 48.07
N ARG A 79 -1.46 -19.44 46.89
CA ARG A 79 -0.47 -20.19 46.11
C ARG A 79 0.95 -19.70 46.36
N CYS A 80 1.06 -18.50 46.93
CA CYS A 80 2.37 -17.86 47.11
C CYS A 80 3.34 -18.68 47.94
N GLY A 81 4.43 -19.08 47.30
CA GLY A 81 5.43 -19.92 47.90
C GLY A 81 4.92 -21.33 48.10
N GLU A 82 3.95 -21.77 47.29
CA GLU A 82 3.50 -23.15 47.28
C GLU A 82 4.68 -24.12 47.05
N VAL A 83 4.45 -25.40 47.34
CA VAL A 83 5.36 -26.45 46.91
C VAL A 83 5.05 -26.71 45.44
N ARG A 84 6.09 -26.73 44.60
CA ARG A 84 5.92 -26.86 43.16
C ARG A 84 5.12 -28.12 42.78
N ASN A 85 4.08 -27.93 41.98
CA ASN A 85 3.27 -29.03 41.45
C ASN A 85 3.36 -28.98 39.93
N GLU A 86 4.10 -29.92 39.34
CA GLU A 86 4.42 -29.85 37.92
C GLU A 86 3.23 -29.95 36.96
N GLU A 87 2.03 -30.20 37.47
CA GLU A 87 0.83 -30.32 36.63
C GLU A 87 0.12 -29.00 36.36
N ASN A 88 0.49 -27.97 37.11
CA ASN A 88 -0.12 -26.66 36.98
C ASN A 88 0.27 -25.98 35.68
N ALA A 89 -0.59 -25.07 35.22
CA ALA A 89 -0.35 -24.38 33.97
C ALA A 89 0.85 -23.45 34.12
N CYS A 90 0.95 -22.81 35.27
CA CYS A 90 2.09 -21.94 35.57
C CYS A 90 2.32 -21.96 37.09
N HIS A 91 3.33 -21.25 37.58
CA HIS A 91 3.79 -21.49 38.96
C HIS A 91 3.88 -20.27 39.85
N CYS A 92 3.66 -20.49 41.15
CA CYS A 92 3.79 -19.45 42.17
C CYS A 92 4.79 -19.85 43.29
N SER A 93 5.49 -20.96 43.06
CA SER A 93 6.55 -21.43 43.95
C SER A 93 7.79 -20.55 43.89
N GLU A 94 8.59 -20.60 44.94
CA GLU A 94 9.78 -19.77 45.07
C GLU A 94 10.77 -19.97 43.94
N ASP A 95 10.80 -21.17 43.37
CA ASP A 95 11.76 -21.48 42.32
C ASP A 95 11.33 -21.06 40.92
N CYS A 96 10.18 -20.40 40.79
CA CYS A 96 9.59 -20.21 39.47
C CYS A 96 10.35 -19.18 38.60
N LEU A 97 10.82 -18.09 39.20
CA LEU A 97 11.72 -17.17 38.50
C LEU A 97 12.96 -17.84 37.86
N SER A 98 13.68 -18.68 38.63
CA SER A 98 14.88 -19.43 38.13
C SER A 98 14.54 -20.32 36.96
N ARG A 99 13.37 -20.96 37.07
CA ARG A 99 12.89 -21.89 36.08
C ARG A 99 12.29 -21.13 34.88
N GLY A 100 11.92 -19.88 35.10
CA GLY A 100 11.28 -19.04 34.05
C GLY A 100 9.84 -19.39 33.70
N ASP A 101 9.13 -20.02 34.65
CA ASP A 101 7.77 -20.50 34.40
C ASP A 101 6.72 -20.04 35.44
N CYS A 102 6.92 -18.85 36.03
CA CYS A 102 5.87 -18.22 36.87
C CYS A 102 4.67 -17.80 36.04
N CYS A 103 3.50 -17.77 36.69
CA CYS A 103 2.34 -17.07 36.13
C CYS A 103 2.73 -15.61 36.03
N THR A 104 2.20 -14.93 35.03
CA THR A 104 2.67 -13.58 34.72
C THR A 104 2.42 -12.60 35.87
N ASN A 105 1.45 -12.92 36.71
CA ASN A 105 1.13 -12.05 37.85
C ASN A 105 1.80 -12.46 39.18
N TYR A 106 2.82 -13.31 39.10
CA TYR A 106 3.49 -13.79 40.31
C TYR A 106 4.04 -12.69 41.22
N GLN A 107 4.89 -11.83 40.66
CA GLN A 107 5.55 -10.81 41.45
CA GLN A 107 5.56 -10.81 41.45
C GLN A 107 4.55 -9.78 41.99
N VAL A 108 3.47 -9.56 41.25
CA VAL A 108 2.40 -8.68 41.68
C VAL A 108 1.65 -9.27 42.90
N VAL A 109 1.11 -10.47 42.75
CA VAL A 109 0.34 -11.09 43.84
C VAL A 109 1.21 -11.56 45.03
N CYS A 110 2.42 -12.06 44.76
CA CYS A 110 3.28 -12.65 45.80
C CYS A 110 4.54 -11.85 46.20
N LYS A 111 4.81 -10.69 45.60
CA LYS A 111 6.03 -9.96 45.95
C LYS A 111 5.84 -8.45 46.13
N GLY A 112 4.59 -8.03 46.22
CA GLY A 112 4.30 -6.62 46.41
C GLY A 112 4.60 -5.74 45.20
N GLU A 113 4.90 -6.37 44.06
CA GLU A 113 5.20 -5.64 42.82
C GLU A 113 3.96 -5.06 42.16
N SER A 114 4.15 -4.07 41.30
CA SER A 114 3.04 -3.45 40.60
C SER A 114 2.90 -3.99 39.18
N HIS A 115 1.66 -4.00 38.66
CA HIS A 115 1.43 -4.30 37.24
C HIS A 115 2.17 -3.24 36.43
N TRP A 116 2.71 -3.65 35.30
CA TRP A 116 3.34 -2.70 34.36
C TRP A 116 2.46 -1.54 34.01
N VAL A 117 1.16 -1.78 33.82
CA VAL A 117 0.26 -0.71 33.43
C VAL A 117 0.12 0.39 34.49
N ASP A 118 0.37 0.03 35.75
CA ASP A 118 0.27 0.99 36.85
C ASP A 118 1.56 1.79 37.07
N ASP A 119 2.63 1.46 36.35
CA ASP A 119 3.84 2.26 36.47
C ASP A 119 3.79 3.50 35.57
N ASP A 120 4.35 4.60 36.05
CA ASP A 120 4.42 5.82 35.24
C ASP A 120 5.26 5.50 34.06
N CYS A 121 5.02 6.11 32.93
CA CYS A 121 5.99 5.78 31.92
CA CYS A 121 5.92 5.83 31.83
C CYS A 121 7.18 6.68 31.90
N GLU A 122 8.31 6.04 31.66
CA GLU A 122 9.61 6.68 31.73
CA GLU A 122 9.59 6.70 31.71
C GLU A 122 10.30 6.38 30.42
N GLU A 123 10.89 7.41 29.84
CA GLU A 123 11.61 7.28 28.58
C GLU A 123 12.67 6.19 28.63
N ILE A 124 12.76 5.43 27.55
CA ILE A 124 13.75 4.36 27.46
C ILE A 124 14.83 4.87 26.52
N LYS A 125 15.89 5.41 27.08
CA LYS A 125 16.86 6.12 26.24
C LYS A 125 17.80 5.14 25.63
N VAL A 126 18.08 4.09 26.37
CA VAL A 126 18.98 3.08 25.89
C VAL A 126 18.38 1.74 26.26
N PRO A 127 18.74 0.68 25.51
CA PRO A 127 18.25 -0.68 25.86
C PRO A 127 18.78 -1.09 27.23
N GLU A 128 17.91 -1.61 28.10
CA GLU A 128 18.28 -1.95 29.49
C GLU A 128 18.08 -3.42 29.63
N CYS A 129 19.06 -4.17 29.11
CA CYS A 129 18.95 -5.61 28.94
C CYS A 129 19.88 -6.36 29.89
N PRO A 130 19.46 -7.56 30.39
CA PRO A 130 20.39 -8.42 31.16
C PRO A 130 21.65 -8.79 30.36
N ALA A 131 22.72 -9.13 31.08
CA ALA A 131 23.95 -9.66 30.52
C ALA A 131 23.64 -10.80 29.55
N GLY A 132 24.37 -10.83 28.44
CA GLY A 132 24.24 -11.93 27.49
C GLY A 132 23.25 -11.65 26.38
N PHE A 133 22.44 -10.60 26.53
CA PHE A 133 21.55 -10.19 25.44
C PHE A 133 22.33 -9.40 24.39
N VAL A 134 22.50 -9.95 23.19
CA VAL A 134 23.31 -9.28 22.12
C VAL A 134 22.61 -8.08 21.42
N ARG A 135 21.28 -8.06 21.49
CA ARG A 135 20.45 -7.05 20.84
C ARG A 135 19.06 -7.02 21.53
N PRO A 136 18.36 -5.88 21.45
CA PRO A 136 16.98 -5.86 21.94
C PRO A 136 16.11 -6.86 21.16
N PRO A 137 15.47 -7.83 21.84
CA PRO A 137 14.49 -8.68 21.16
C PRO A 137 13.33 -7.89 20.49
N LEU A 138 12.76 -8.44 19.42
CA LEU A 138 11.55 -7.88 18.80
C LEU A 138 10.39 -8.82 19.08
N ILE A 139 9.30 -8.29 19.61
CA ILE A 139 8.06 -9.09 19.74
C ILE A 139 6.94 -8.42 18.96
N ILE A 140 6.41 -9.15 17.99
CA ILE A 140 5.27 -8.64 17.24
C ILE A 140 3.96 -9.16 17.89
N PHE A 141 3.10 -8.24 18.33
CA PHE A 141 1.83 -8.57 18.96
C PHE A 141 0.72 -8.22 17.94
N SER A 142 0.19 -9.26 17.29
CA SER A 142 -0.74 -9.09 16.17
C SER A 142 -2.20 -9.33 16.51
N VAL A 143 -3.03 -8.31 16.30
CA VAL A 143 -4.48 -8.44 16.54
C VAL A 143 -5.29 -8.49 15.24
N ASP A 144 -6.37 -9.25 15.27
CA ASP A 144 -7.13 -9.54 14.08
C ASP A 144 -8.42 -8.67 14.04
N GLY A 145 -8.62 -7.90 12.96
CA GLY A 145 -9.88 -7.15 12.77
C GLY A 145 -9.91 -5.96 13.75
N PHE A 146 -8.73 -5.51 14.18
CA PHE A 146 -8.62 -4.41 15.12
C PHE A 146 -8.66 -3.09 14.34
N ARG A 147 -9.86 -2.55 14.26
CA ARG A 147 -10.15 -1.37 13.47
C ARG A 147 -9.47 -0.16 14.09
N ALA A 148 -8.93 0.75 13.26
CA ALA A 148 -8.14 1.90 13.79
C ALA A 148 -8.85 2.71 14.86
N SER A 149 -10.14 2.95 14.67
CA SER A 149 -10.94 3.77 15.60
C SER A 149 -11.15 3.12 16.98
N TYR A 150 -10.84 1.84 17.12
CA TYR A 150 -10.89 1.21 18.48
C TYR A 150 -9.96 1.86 19.47
N MET A 151 -8.91 2.53 18.97
CA MET A 151 -7.91 3.11 19.87
C MET A 151 -8.52 4.28 20.66
N LYS A 152 -9.34 5.09 19.99
CA LYS A 152 -10.10 6.13 20.69
C LYS A 152 -11.35 5.56 21.38
N LYS A 153 -12.16 4.82 20.62
CA LYS A 153 -13.49 4.43 21.05
C LYS A 153 -13.45 3.38 22.18
N GLY A 154 -12.37 2.60 22.24
CA GLY A 154 -12.28 1.58 23.27
C GLY A 154 -11.32 1.97 24.37
N SER A 155 -10.84 3.23 24.37
CA SER A 155 -9.76 3.62 25.26
C SER A 155 -10.00 3.33 26.73
N LYS A 156 -11.25 3.48 27.20
CA LYS A 156 -11.60 3.31 28.63
C LYS A 156 -11.51 1.85 29.08
N VAL A 157 -11.46 0.94 28.12
CA VAL A 157 -11.37 -0.45 28.54
C VAL A 157 -10.06 -1.15 28.13
N MET A 158 -9.10 -0.40 27.56
CA MET A 158 -7.81 -1.00 27.18
C MET A 158 -6.61 -0.25 27.82
N PRO A 159 -6.47 -0.32 29.15
CA PRO A 159 -5.42 0.52 29.74
C PRO A 159 -3.98 0.15 29.35
N ASN A 160 -3.68 -1.14 29.20
CA ASN A 160 -2.35 -1.58 28.78
C ASN A 160 -1.99 -1.07 27.36
N ILE A 161 -2.92 -1.22 26.43
CA ILE A 161 -2.73 -0.82 25.00
C ILE A 161 -2.67 0.69 24.96
N GLU A 162 -3.46 1.36 25.83
CA GLU A 162 -3.45 2.83 25.82
C GLU A 162 -2.12 3.35 26.35
N LYS A 163 -1.54 2.61 27.29
CA LYS A 163 -0.20 2.98 27.78
C LYS A 163 0.87 2.81 26.73
N LEU A 164 0.92 1.64 26.08
CA LEU A 164 1.89 1.45 24.98
C LEU A 164 1.72 2.57 23.95
N ARG A 165 0.46 2.88 23.61
CA ARG A 165 0.17 3.86 22.57
C ARG A 165 0.69 5.26 22.94
N SER A 166 0.38 5.72 24.14
CA SER A 166 0.73 7.11 24.46
C SER A 166 2.19 7.25 24.87
N CYS A 167 2.78 6.17 25.36
CA CYS A 167 4.17 6.23 25.80
CA CYS A 167 4.17 6.19 25.82
C CYS A 167 5.17 5.97 24.68
N GLY A 168 4.77 5.13 23.71
CA GLY A 168 5.64 4.79 22.60
C GLY A 168 5.39 5.68 21.40
N THR A 169 5.58 5.11 20.21
CA THR A 169 5.39 5.78 18.94
C THR A 169 4.13 5.19 18.30
N HIS A 170 3.21 6.01 17.86
CA HIS A 170 1.96 5.48 17.29
C HIS A 170 1.52 6.25 16.03
N ALA A 171 0.73 5.60 15.17
CA ALA A 171 0.12 6.29 14.03
C ALA A 171 -1.38 6.40 14.33
N PRO A 172 -2.08 7.40 13.74
CA PRO A 172 -3.54 7.39 13.93
C PRO A 172 -4.20 6.17 13.29
N TYR A 173 -3.57 5.67 12.23
CA TYR A 173 -4.03 4.43 11.63
C TYR A 173 -2.94 3.94 10.71
N MET A 174 -3.00 2.66 10.39
CA MET A 174 -2.12 2.04 9.42
C MET A 174 -2.99 1.47 8.31
N ARG A 175 -2.57 1.69 7.04
CA ARG A 175 -3.28 1.15 5.87
C ARG A 175 -2.82 -0.27 5.57
N PRO A 176 -3.77 -1.24 5.54
CA PRO A 176 -3.53 -2.64 5.09
C PRO A 176 -3.34 -2.76 3.59
N VAL A 177 -2.93 -3.93 3.11
CA VAL A 177 -2.94 -4.17 1.69
C VAL A 177 -4.33 -4.63 1.27
N TYR A 178 -4.60 -4.57 -0.02
CA TYR A 178 -5.81 -5.18 -0.62
C TYR A 178 -5.48 -6.59 -1.11
N PRO A 179 -6.38 -7.59 -0.91
CA PRO A 179 -7.66 -7.48 -0.22
C PRO A 179 -7.45 -7.45 1.28
N THR A 180 -8.35 -6.76 1.99
CA THR A 180 -8.17 -6.48 3.40
C THR A 180 -8.64 -7.72 4.22
N LYS A 181 -8.10 -8.86 3.81
CA LYS A 181 -8.32 -10.17 4.46
C LYS A 181 -7.11 -10.57 5.32
N THR A 182 -7.31 -11.58 6.14
CA THR A 182 -6.35 -11.93 7.14
C THR A 182 -5.03 -12.41 6.56
N PHE A 183 -5.04 -13.52 5.84
CA PHE A 183 -3.81 -14.14 5.33
C PHE A 183 -2.93 -13.25 4.37
N PRO A 184 -3.54 -12.58 3.37
CA PRO A 184 -2.75 -11.61 2.58
C PRO A 184 -2.03 -10.57 3.43
N ASN A 185 -2.71 -10.03 4.44
CA ASN A 185 -2.07 -9.05 5.30
C ASN A 185 -1.01 -9.55 6.29
N LEU A 186 -1.23 -10.71 6.88
CA LEU A 186 -0.21 -11.24 7.81
C LEU A 186 1.08 -11.58 7.07
N TYR A 187 0.94 -12.14 5.87
CA TYR A 187 2.15 -12.48 5.12
C TYR A 187 2.78 -11.22 4.50
N THR A 188 1.97 -10.20 4.20
CA THR A 188 2.56 -8.89 3.81
C THR A 188 3.39 -8.29 4.97
N LEU A 189 2.82 -8.31 6.17
CA LEU A 189 3.50 -7.81 7.36
CA LEU A 189 3.53 -7.81 7.35
C LEU A 189 4.88 -8.48 7.43
N ALA A 190 4.90 -9.82 7.29
CA ALA A 190 6.16 -10.62 7.36
C ALA A 190 7.13 -10.50 6.18
N THR A 191 6.68 -9.95 5.04
CA THR A 191 7.56 -9.92 3.83
C THR A 191 7.88 -8.55 3.27
N GLY A 192 7.10 -7.51 3.60
CA GLY A 192 7.15 -6.24 2.88
C GLY A 192 6.68 -6.29 1.43
N LEU A 193 5.89 -7.31 1.07
CA LEU A 193 5.51 -7.46 -0.33
C LEU A 193 4.03 -7.34 -0.50
N TYR A 194 3.61 -6.80 -1.64
CA TYR A 194 2.21 -6.88 -2.08
C TYR A 194 1.79 -8.35 -2.26
N PRO A 195 0.52 -8.71 -1.95
CA PRO A 195 0.03 -10.07 -2.23
C PRO A 195 0.29 -10.56 -3.66
N GLU A 196 0.17 -9.70 -4.68
CA GLU A 196 0.49 -10.15 -6.04
C GLU A 196 1.94 -10.70 -6.15
N SER A 197 2.85 -10.18 -5.32
CA SER A 197 4.24 -10.64 -5.32
C SER A 197 4.51 -11.79 -4.37
N HIS A 198 3.93 -11.78 -3.17
CA HIS A 198 4.20 -12.87 -2.24
C HIS A 198 3.34 -14.16 -2.53
N GLY A 199 2.24 -13.99 -3.25
CA GLY A 199 1.41 -15.12 -3.73
C GLY A 199 0.19 -15.43 -2.90
N ILE A 200 0.09 -14.81 -1.71
CA ILE A 200 -1.08 -15.07 -0.88
C ILE A 200 -2.12 -13.97 -1.20
N VAL A 201 -2.86 -14.20 -2.27
CA VAL A 201 -3.67 -13.12 -2.89
C VAL A 201 -5.09 -13.11 -2.35
N GLY A 202 -5.41 -14.09 -1.49
CA GLY A 202 -6.70 -14.15 -0.83
C GLY A 202 -6.69 -15.10 0.36
N ASN A 203 -7.70 -15.00 1.21
CA ASN A 203 -7.99 -16.09 2.21
C ASN A 203 -8.29 -17.43 1.54
N SER A 204 -8.85 -17.34 0.35
CA SER A 204 -9.05 -18.49 -0.55
CA SER A 204 -9.02 -18.48 -0.56
C SER A 204 -8.51 -18.19 -1.96
N MET A 205 -7.90 -19.17 -2.60
CA MET A 205 -7.49 -18.93 -3.97
C MET A 205 -7.37 -20.24 -4.72
N TYR A 206 -7.33 -20.13 -6.04
CA TYR A 206 -7.14 -21.26 -6.95
C TYR A 206 -5.95 -20.93 -7.83
N ASP A 207 -4.96 -21.84 -7.85
CA ASP A 207 -3.86 -21.69 -8.77
C ASP A 207 -4.14 -22.61 -9.93
N PRO A 208 -4.28 -22.05 -11.16
CA PRO A 208 -4.65 -22.86 -12.33
C PRO A 208 -3.52 -23.72 -12.91
N VAL A 209 -2.28 -23.41 -12.52
CA VAL A 209 -1.12 -24.24 -12.83
C VAL A 209 -1.04 -25.41 -11.82
N PHE A 210 -1.25 -25.16 -10.53
CA PHE A 210 -1.30 -26.26 -9.55
C PHE A 210 -2.56 -27.12 -9.73
N ASP A 211 -3.62 -26.52 -10.29
CA ASP A 211 -4.99 -27.07 -10.24
C ASP A 211 -5.35 -27.42 -8.79
N ALA A 212 -5.28 -26.42 -7.89
CA ALA A 212 -5.41 -26.68 -6.46
C ALA A 212 -5.91 -25.39 -5.85
N SER A 213 -6.57 -25.53 -4.70
CA SER A 213 -7.11 -24.41 -3.95
C SER A 213 -6.54 -24.33 -2.57
N PHE A 214 -6.25 -23.09 -2.16
CA PHE A 214 -5.69 -22.77 -0.86
C PHE A 214 -6.89 -22.26 -0.08
N HIS A 215 -7.04 -22.71 1.16
CA HIS A 215 -8.12 -22.24 2.00
C HIS A 215 -7.58 -21.93 3.38
N LEU A 216 -8.17 -20.92 4.02
CA LEU A 216 -7.78 -20.52 5.35
C LEU A 216 -7.75 -21.77 6.27
N ARG A 217 -8.75 -22.64 6.14
CA ARG A 217 -8.82 -23.90 6.85
C ARG A 217 -8.32 -25.04 5.96
N GLY A 218 -7.59 -26.00 6.53
CA GLY A 218 -7.19 -27.18 5.76
C GLY A 218 -5.70 -27.26 5.61
N ARG A 219 -5.20 -28.31 4.98
CA ARG A 219 -3.79 -28.59 5.02
C ARG A 219 -3.03 -28.18 3.75
N GLU A 220 -3.78 -27.87 2.69
CA GLU A 220 -3.18 -27.41 1.45
C GLU A 220 -2.25 -26.20 1.71
N LYS A 221 -2.71 -25.28 2.58
CA LYS A 221 -1.90 -24.09 2.96
C LYS A 221 -0.50 -24.39 3.54
N PHE A 222 -0.31 -25.59 4.11
CA PHE A 222 1.00 -26.04 4.64
C PHE A 222 2.05 -26.22 3.56
N ASN A 223 1.61 -26.40 2.33
CA ASN A 223 2.55 -26.55 1.24
C ASN A 223 3.30 -25.24 0.94
N HIS A 224 4.63 -25.30 0.95
CA HIS A 224 5.45 -24.09 0.72
C HIS A 224 5.28 -23.46 -0.65
N ARG A 225 4.78 -24.23 -1.61
CA ARG A 225 4.64 -23.77 -2.98
C ARG A 225 3.77 -22.51 -3.11
N TRP A 226 2.87 -22.28 -2.15
CA TRP A 226 2.06 -21.06 -2.18
C TRP A 226 2.77 -19.77 -1.72
N TRP A 227 3.84 -19.92 -0.94
CA TRP A 227 4.41 -18.79 -0.17
C TRP A 227 5.73 -18.33 -0.75
N GLY A 228 5.75 -17.12 -1.33
CA GLY A 228 6.95 -16.57 -1.98
C GLY A 228 7.55 -15.49 -1.08
N GLY A 229 8.50 -14.76 -1.64
CA GLY A 229 9.19 -13.70 -0.92
C GLY A 229 10.05 -14.34 0.14
N GLN A 230 10.61 -13.53 1.04
CA GLN A 230 11.43 -14.02 2.09
C GLN A 230 10.95 -13.39 3.42
N PRO A 231 10.17 -14.17 4.18
CA PRO A 231 9.59 -13.71 5.44
C PRO A 231 10.67 -13.35 6.48
N LEU A 232 10.35 -12.40 7.38
CA LEU A 232 11.30 -11.96 8.37
C LEU A 232 12.12 -13.07 9.10
N TRP A 233 11.50 -14.17 9.49
CA TRP A 233 12.22 -15.21 10.24
C TRP A 233 13.31 -15.88 9.40
N ILE A 234 13.10 -15.91 8.07
CA ILE A 234 14.12 -16.45 7.16
C ILE A 234 15.24 -15.45 6.94
N THR A 235 14.88 -14.19 6.72
CA THR A 235 15.85 -13.10 6.66
C THR A 235 16.75 -13.11 7.91
N ALA A 236 16.13 -13.22 9.07
CA ALA A 236 16.86 -13.20 10.32
C ALA A 236 17.80 -14.42 10.40
N THR A 237 17.25 -15.62 10.18
CA THR A 237 18.07 -16.86 10.22
C THR A 237 19.27 -16.83 9.27
N LYS A 238 19.02 -16.48 8.01
CA LYS A 238 20.10 -16.40 7.01
C LYS A 238 21.23 -15.50 7.47
N GLN A 239 20.93 -14.52 8.33
CA GLN A 239 21.97 -13.58 8.73
C GLN A 239 22.43 -13.79 10.18
N GLY A 240 22.08 -14.93 10.75
CA GLY A 240 22.63 -15.34 12.03
C GLY A 240 21.87 -14.82 13.21
N VAL A 241 20.69 -14.22 12.99
CA VAL A 241 19.80 -13.84 14.08
C VAL A 241 18.73 -14.91 14.26
N ARG A 242 18.62 -15.47 15.46
CA ARG A 242 17.69 -16.60 15.70
C ARG A 242 16.22 -16.16 15.74
N ALA A 243 15.40 -16.94 15.02
CA ALA A 243 13.98 -16.62 14.86
C ALA A 243 13.25 -17.84 14.36
N GLY A 244 12.24 -18.26 15.09
CA GLY A 244 11.43 -19.38 14.62
C GLY A 244 10.32 -18.87 13.68
N THR A 245 9.67 -19.81 12.97
CA THR A 245 8.49 -19.50 12.17
C THR A 245 7.41 -18.74 12.99
N PHE A 246 6.61 -17.91 12.34
CA PHE A 246 5.57 -17.17 13.07
C PHE A 246 4.25 -17.95 13.16
N PHE A 247 4.13 -19.04 12.38
CA PHE A 247 2.88 -19.84 12.34
C PHE A 247 2.70 -20.51 13.70
N TRP A 248 1.44 -20.74 14.09
CA TRP A 248 1.06 -21.41 15.37
C TRP A 248 -0.12 -22.35 15.14
N SER A 249 -0.06 -23.55 15.74
CA SER A 249 -1.21 -24.45 15.71
C SER A 249 -2.43 -23.76 16.34
N VAL A 250 -3.59 -23.89 15.71
CA VAL A 250 -4.79 -23.16 16.14
C VAL A 250 -5.22 -23.52 17.57
N SER A 251 -4.98 -24.77 17.99
CA SER A 251 -5.49 -25.23 19.29
C SER A 251 -4.54 -24.95 20.44
N ILE A 252 -3.53 -24.11 20.20
CA ILE A 252 -2.73 -23.59 21.31
C ILE A 252 -3.39 -22.27 21.74
N PRO A 253 -3.98 -22.20 22.95
CA PRO A 253 -4.70 -20.97 23.33
C PRO A 253 -3.76 -19.79 23.65
N HIS A 254 -4.32 -18.59 23.68
CA HIS A 254 -3.51 -17.37 23.76
C HIS A 254 -2.68 -17.26 25.04
N GLU A 255 -3.20 -17.75 26.17
CA GLU A 255 -2.44 -17.66 27.45
C GLU A 255 -1.21 -18.57 27.39
N ARG A 256 -1.32 -19.68 26.67
CA ARG A 256 -0.20 -20.59 26.55
C ARG A 256 0.84 -20.04 25.54
N ARG A 257 0.37 -19.38 24.49
CA ARG A 257 1.26 -18.66 23.58
C ARG A 257 2.14 -17.64 24.33
N ILE A 258 1.55 -16.79 25.18
CA ILE A 258 2.33 -15.78 25.98
C ILE A 258 3.37 -16.44 26.90
N LEU A 259 2.93 -17.47 27.61
CA LEU A 259 3.81 -18.26 28.49
C LEU A 259 4.94 -18.95 27.72
N THR A 260 4.65 -19.43 26.51
CA THR A 260 5.67 -20.02 25.65
C THR A 260 6.72 -18.97 25.17
N ILE A 261 6.28 -17.78 24.73
CA ILE A 261 7.22 -16.67 24.39
C ILE A 261 8.06 -16.29 25.59
N LEU A 262 7.42 -16.13 26.75
CA LEU A 262 8.15 -15.80 27.99
C LEU A 262 9.16 -16.88 28.45
N GLN A 263 8.81 -18.15 28.24
CA GLN A 263 9.73 -19.27 28.47
C GLN A 263 10.93 -19.24 27.50
N TRP A 264 10.64 -19.06 26.21
CA TRP A 264 11.70 -19.04 25.22
C TRP A 264 12.67 -17.90 25.57
N LEU A 265 12.14 -16.83 26.17
CA LEU A 265 12.98 -15.65 26.50
C LEU A 265 13.97 -15.92 27.65
N SER A 266 13.74 -17.01 28.39
CA SER A 266 14.62 -17.47 29.48
C SER A 266 15.70 -18.47 29.02
N LEU A 267 15.61 -18.96 27.78
CA LEU A 267 16.63 -19.87 27.30
C LEU A 267 18.02 -19.25 27.42
N PRO A 268 19.08 -20.09 27.37
CA PRO A 268 20.46 -19.58 27.38
C PRO A 268 20.80 -18.80 26.09
N ASP A 269 21.74 -17.88 26.19
CA ASP A 269 22.10 -16.96 25.10
C ASP A 269 22.24 -17.63 23.74
N ASN A 270 22.87 -18.80 23.69
CA ASN A 270 23.15 -19.47 22.43
C ASN A 270 21.91 -20.13 21.77
N GLU A 271 20.78 -20.20 22.49
CA GLU A 271 19.59 -20.88 22.00
C GLU A 271 18.38 -19.95 21.85
N ARG A 272 18.46 -18.80 22.49
CA ARG A 272 17.30 -17.89 22.65
C ARG A 272 17.06 -17.10 21.36
N PRO A 273 15.83 -17.12 20.81
CA PRO A 273 15.54 -16.27 19.62
C PRO A 273 15.60 -14.78 19.95
N SER A 274 15.83 -13.97 18.92
CA SER A 274 15.71 -12.53 19.02
C SER A 274 14.39 -11.95 18.51
N VAL A 275 13.55 -12.77 17.85
CA VAL A 275 12.26 -12.29 17.33
C VAL A 275 11.12 -13.26 17.65
N TYR A 276 9.97 -12.69 18.00
CA TYR A 276 8.82 -13.46 18.46
C TYR A 276 7.57 -12.86 17.82
N ALA A 277 6.59 -13.70 17.51
CA ALA A 277 5.28 -13.17 17.03
C ALA A 277 4.21 -13.87 17.81
N PHE A 278 3.30 -13.09 18.37
CA PHE A 278 2.08 -13.60 18.93
C PHE A 278 0.91 -13.09 18.06
N TYR A 279 -0.10 -13.95 17.80
CA TYR A 279 -1.31 -13.58 17.04
C TYR A 279 -2.56 -13.89 17.84
N SER A 280 -3.48 -12.93 17.88
CA SER A 280 -4.78 -13.10 18.47
C SER A 280 -5.86 -13.37 17.40
N GLU A 281 -6.89 -14.15 17.76
CA GLU A 281 -8.08 -14.40 16.93
C GLU A 281 -9.07 -13.25 17.07
N GLN A 282 -8.85 -12.41 18.07
CA GLN A 282 -9.75 -11.31 18.41
C GLN A 282 -9.15 -9.95 18.04
N PRO A 283 -10.00 -8.92 17.83
CA PRO A 283 -11.46 -8.96 17.96
C PRO A 283 -12.24 -9.47 16.75
N ASP A 284 -11.53 -9.89 15.71
CA ASP A 284 -12.13 -10.34 14.46
C ASP A 284 -13.23 -11.41 14.65
N PHE A 285 -12.96 -12.41 15.48
CA PHE A 285 -13.90 -13.51 15.67
C PHE A 285 -15.24 -12.98 16.15
N SER A 286 -15.23 -12.11 17.15
CA SER A 286 -16.46 -11.51 17.62
C SER A 286 -17.04 -10.46 16.68
N GLY A 287 -16.20 -9.70 16.00
CA GLY A 287 -16.66 -8.60 15.14
C GLY A 287 -17.50 -9.13 13.99
N HIS A 288 -17.13 -10.30 13.49
CA HIS A 288 -17.88 -10.94 12.40
C HIS A 288 -19.29 -11.27 12.91
N LYS A 289 -19.40 -11.74 14.16
CA LYS A 289 -20.70 -12.11 14.68
C LYS A 289 -21.51 -10.88 15.01
N TYR A 290 -20.86 -9.85 15.53
CA TYR A 290 -21.58 -8.78 16.19
C TYR A 290 -21.49 -7.42 15.53
N GLY A 291 -20.75 -7.28 14.44
CA GLY A 291 -20.47 -5.92 13.93
C GLY A 291 -19.29 -5.28 14.65
N PRO A 292 -18.62 -4.29 14.04
CA PRO A 292 -17.45 -3.66 14.64
C PRO A 292 -17.78 -2.99 15.98
N PHE A 293 -19.00 -2.48 16.16
CA PHE A 293 -19.32 -1.82 17.44
C PHE A 293 -20.47 -2.44 18.24
N GLY A 294 -20.79 -3.69 17.97
CA GLY A 294 -21.77 -4.44 18.76
C GLY A 294 -21.47 -4.33 20.26
N PRO A 295 -22.52 -4.26 21.09
CA PRO A 295 -22.30 -4.17 22.56
C PRO A 295 -21.41 -5.34 23.03
N GLU A 296 -21.47 -6.43 22.28
CA GLU A 296 -20.74 -7.64 22.62
C GLU A 296 -19.24 -7.45 22.41
N MET A 297 -18.84 -6.30 21.85
CA MET A 297 -17.45 -6.10 21.44
C MET A 297 -16.56 -5.60 22.57
N THR A 298 -17.15 -5.03 23.62
CA THR A 298 -16.39 -4.52 24.75
C THR A 298 -15.52 -5.61 25.46
N ASN A 299 -16.13 -6.73 25.76
CA ASN A 299 -15.39 -7.86 26.34
C ASN A 299 -14.18 -8.40 25.53
N PRO A 300 -14.31 -8.61 24.23
CA PRO A 300 -13.13 -9.02 23.46
C PRO A 300 -12.00 -7.99 23.54
N LEU A 301 -12.34 -6.70 23.52
CA LEU A 301 -11.29 -5.65 23.73
C LEU A 301 -10.63 -5.69 25.12
N ARG A 302 -11.44 -6.00 26.14
CA ARG A 302 -10.93 -6.22 27.49
C ARG A 302 -9.98 -7.42 27.52
N GLU A 303 -10.35 -8.51 26.85
CA GLU A 303 -9.54 -9.70 26.89
C GLU A 303 -8.22 -9.51 26.20
N ILE A 304 -8.23 -8.83 25.04
CA ILE A 304 -6.99 -8.50 24.36
C ILE A 304 -6.09 -7.63 25.26
N ASP A 305 -6.65 -6.62 25.91
CA ASP A 305 -5.86 -5.78 26.78
C ASP A 305 -5.23 -6.57 27.93
N LYS A 306 -6.03 -7.46 28.54
CA LYS A 306 -5.54 -8.34 29.56
C LYS A 306 -4.34 -9.18 29.05
N THR A 307 -4.44 -9.73 27.84
CA THR A 307 -3.31 -10.49 27.26
C THR A 307 -2.02 -9.66 27.12
N VAL A 308 -2.16 -8.43 26.58
CA VAL A 308 -1.05 -7.47 26.51
C VAL A 308 -0.48 -7.19 27.91
N GLY A 309 -1.38 -7.07 28.90
CA GLY A 309 -0.98 -6.92 30.28
C GLY A 309 -0.14 -8.09 30.78
N GLN A 310 -0.56 -9.30 30.43
CA GLN A 310 0.17 -10.50 30.82
C GLN A 310 1.58 -10.52 30.23
N LEU A 311 1.69 -10.19 28.94
CA LEU A 311 2.99 -10.16 28.29
C LEU A 311 3.85 -9.07 28.95
N MET A 312 3.29 -7.89 29.16
CA MET A 312 4.04 -6.80 29.75
C MET A 312 4.48 -7.07 31.20
N ASP A 313 3.64 -7.73 31.99
CA ASP A 313 4.02 -8.07 33.37
C ASP A 313 5.12 -9.13 33.35
N GLY A 314 4.99 -10.08 32.44
CA GLY A 314 5.97 -11.15 32.25
C GLY A 314 7.32 -10.59 31.84
N LEU A 315 7.31 -9.63 30.89
CA LEU A 315 8.58 -9.01 30.48
C LEU A 315 9.27 -8.35 31.68
N LYS A 316 8.46 -7.60 32.45
CA LYS A 316 8.91 -6.89 33.63
C LYS A 316 9.48 -7.85 34.69
N GLN A 317 8.83 -9.01 34.89
CA GLN A 317 9.38 -10.09 35.73
C GLN A 317 10.73 -10.56 35.27
N LEU A 318 10.94 -10.57 33.97
CA LEU A 318 12.19 -11.04 33.42
C LEU A 318 13.17 -9.90 33.26
N ARG A 319 12.85 -8.71 33.82
CA ARG A 319 13.64 -7.46 33.68
C ARG A 319 13.92 -7.05 32.19
N LEU A 320 12.92 -7.25 31.34
CA LEU A 320 13.02 -7.05 29.89
C LEU A 320 12.07 -5.98 29.35
N HIS A 321 11.32 -5.35 30.23
CA HIS A 321 10.32 -4.37 29.84
C HIS A 321 10.91 -3.05 29.36
N ARG A 322 12.22 -2.87 29.57
CA ARG A 322 12.95 -1.73 29.05
C ARG A 322 14.11 -2.20 28.15
N CYS A 323 13.96 -3.42 27.65
CA CYS A 323 14.91 -4.01 26.72
C CYS A 323 14.26 -4.39 25.37
N VAL A 324 13.01 -4.85 25.41
CA VAL A 324 12.33 -5.44 24.26
C VAL A 324 11.63 -4.35 23.44
N ASN A 325 11.74 -4.43 22.11
CA ASN A 325 10.88 -3.60 21.25
C ASN A 325 9.57 -4.37 20.99
N VAL A 326 8.44 -3.72 21.24
CA VAL A 326 7.15 -4.38 21.04
C VAL A 326 6.40 -3.69 19.89
N ILE A 327 5.93 -4.46 18.91
CA ILE A 327 5.05 -3.92 17.89
C ILE A 327 3.63 -4.45 18.12
N PHE A 328 2.69 -3.52 18.35
CA PHE A 328 1.28 -3.79 18.44
C PHE A 328 0.70 -3.33 17.10
N VAL A 329 0.16 -4.29 16.34
CA VAL A 329 -0.22 -4.11 14.94
C VAL A 329 -1.48 -4.96 14.65
N GLY A 330 -2.40 -4.41 13.84
CA GLY A 330 -3.53 -5.17 13.31
C GLY A 330 -3.32 -5.50 11.84
N ASP A 331 -4.07 -6.48 11.34
CA ASP A 331 -4.00 -6.89 9.97
C ASP A 331 -5.04 -6.16 9.09
N HIS A 332 -6.15 -5.73 9.67
CA HIS A 332 -7.20 -4.96 8.93
C HIS A 332 -8.28 -4.56 9.94
N GLY A 333 -9.24 -3.74 9.50
CA GLY A 333 -10.37 -3.32 10.27
C GLY A 333 -11.58 -4.23 10.09
N MET A 334 -12.77 -3.65 10.25
CA MET A 334 -14.01 -4.45 10.27
C MET A 334 -15.17 -3.49 9.97
N GLU A 335 -16.10 -3.92 9.11
CA GLU A 335 -17.20 -3.09 8.63
C GLU A 335 -18.53 -3.79 8.97
N ASP A 336 -19.62 -3.01 9.04
CA ASP A 336 -20.99 -3.57 9.18
C ASP A 336 -21.41 -4.22 7.87
N VAL A 337 -21.65 -5.52 7.89
CA VAL A 337 -22.12 -6.19 6.68
C VAL A 337 -23.13 -7.25 7.10
N THR A 338 -24.30 -7.28 6.46
CA THR A 338 -25.37 -8.27 6.79
C THR A 338 -25.86 -8.98 5.52
N CYS A 339 -26.47 -10.18 5.69
CA CYS A 339 -26.95 -11.03 4.57
C CYS A 339 -27.84 -10.31 3.60
N ASP A 340 -28.65 -9.39 4.11
CA ASP A 340 -29.56 -8.65 3.26
C ASP A 340 -28.85 -7.66 2.36
N ARG A 341 -27.59 -7.29 2.66
CA ARG A 341 -26.86 -6.41 1.75
C ARG A 341 -25.94 -7.27 0.88
N THR A 342 -26.58 -8.16 0.11
CA THR A 342 -25.87 -9.02 -0.84
C THR A 342 -26.41 -8.80 -2.24
N GLU A 343 -25.52 -8.56 -3.20
CA GLU A 343 -25.89 -8.45 -4.61
C GLU A 343 -25.71 -9.85 -5.15
N PHE A 344 -26.67 -10.34 -5.96
CA PHE A 344 -26.57 -11.68 -6.60
C PHE A 344 -26.32 -11.62 -8.11
N LEU A 345 -25.30 -12.32 -8.57
CA LEU A 345 -24.95 -12.31 -10.00
C LEU A 345 -26.05 -12.91 -10.87
N SER A 346 -26.87 -13.77 -10.25
CA SER A 346 -27.97 -14.42 -10.94
C SER A 346 -29.01 -13.40 -11.35
N ASN A 347 -29.10 -12.28 -10.63
CA ASN A 347 -29.87 -11.13 -11.08
C ASN A 347 -29.27 -10.39 -12.28
N TYR A 348 -28.05 -10.71 -12.70
CA TYR A 348 -27.39 -10.01 -13.82
C TYR A 348 -27.12 -10.93 -15.01
N LEU A 349 -26.71 -12.15 -14.72
CA LEU A 349 -26.26 -13.05 -15.76
C LEU A 349 -27.32 -14.12 -16.02
N THR A 350 -27.64 -14.36 -17.28
CA THR A 350 -28.53 -15.50 -17.60
C THR A 350 -27.80 -16.83 -17.41
N ASN A 351 -26.52 -16.88 -17.74
CA ASN A 351 -25.74 -18.12 -17.68
C ASN A 351 -24.76 -18.20 -16.49
N VAL A 352 -25.30 -18.03 -15.28
CA VAL A 352 -24.56 -17.99 -14.03
C VAL A 352 -23.87 -19.31 -13.60
N ASP A 353 -24.24 -20.41 -14.24
CA ASP A 353 -23.73 -21.73 -13.87
C ASP A 353 -22.44 -22.01 -14.61
N ASP A 354 -22.14 -21.19 -15.62
CA ASP A 354 -20.89 -21.31 -16.35
C ASP A 354 -19.71 -20.64 -15.62
N ILE A 355 -20.00 -19.88 -14.55
CA ILE A 355 -18.92 -19.24 -13.78
C ILE A 355 -18.64 -19.85 -12.40
N THR A 356 -17.39 -19.67 -11.95
CA THR A 356 -17.03 -19.80 -10.53
C THR A 356 -16.76 -18.41 -9.94
N LEU A 357 -17.37 -18.14 -8.79
CA LEU A 357 -17.12 -16.86 -8.09
C LEU A 357 -16.42 -17.09 -6.76
N VAL A 358 -15.31 -16.38 -6.50
CA VAL A 358 -14.86 -16.17 -5.12
C VAL A 358 -15.72 -15.04 -4.58
N PRO A 359 -16.58 -15.31 -3.58
CA PRO A 359 -17.58 -14.33 -3.18
C PRO A 359 -17.22 -13.50 -1.94
N GLY A 360 -18.07 -12.53 -1.63
CA GLY A 360 -18.03 -11.82 -0.36
C GLY A 360 -17.77 -10.33 -0.57
N THR A 361 -16.76 -9.81 0.15
CA THR A 361 -16.41 -8.38 0.14
C THR A 361 -15.55 -7.96 -1.07
N LEU A 362 -15.24 -8.95 -1.89
CA LEU A 362 -14.64 -8.79 -3.22
C LEU A 362 -15.21 -9.90 -4.09
N GLY A 363 -15.16 -9.70 -5.41
CA GLY A 363 -15.52 -10.78 -6.32
C GLY A 363 -14.40 -11.12 -7.27
N ARG A 364 -14.15 -12.42 -7.44
CA ARG A 364 -13.23 -12.97 -8.47
C ARG A 364 -13.95 -14.02 -9.31
N ILE A 365 -13.99 -13.81 -10.62
CA ILE A 365 -14.82 -14.69 -11.49
C ILE A 365 -13.92 -15.39 -12.51
N ARG A 366 -14.13 -16.70 -12.65
CA ARG A 366 -13.42 -17.47 -13.68
C ARG A 366 -14.43 -18.49 -14.27
N ALA A 367 -14.04 -19.16 -15.36
CA ALA A 367 -14.92 -20.14 -16.01
C ALA A 367 -15.09 -21.29 -15.04
N LYS A 368 -16.30 -21.86 -14.98
CA LYS A 368 -16.49 -23.12 -14.27
C LYS A 368 -15.68 -24.24 -14.93
N SER A 369 -15.68 -24.29 -16.26
CA SER A 369 -14.95 -25.31 -17.01
C SER A 369 -13.90 -24.72 -17.96
N ILE A 370 -12.62 -25.11 -17.80
CA ILE A 370 -11.51 -24.62 -18.67
C ILE A 370 -11.71 -24.97 -20.15
N ASN A 371 -12.24 -26.17 -20.40
CA ASN A 371 -12.58 -26.61 -21.76
C ASN A 371 -13.87 -25.94 -22.21
N ASN A 372 -13.77 -24.63 -22.39
CA ASN A 372 -14.85 -23.80 -22.88
C ASN A 372 -14.23 -22.59 -23.58
N SER A 373 -14.30 -22.62 -24.91
CA SER A 373 -13.96 -21.47 -25.75
C SER A 373 -15.22 -20.60 -25.97
N LYS A 374 -16.34 -21.09 -25.44
CA LYS A 374 -17.58 -20.32 -25.37
C LYS A 374 -17.78 -19.73 -23.97
N TYR A 375 -16.70 -19.22 -23.40
CA TYR A 375 -16.74 -18.46 -22.16
C TYR A 375 -16.21 -17.08 -22.52
N ASP A 376 -17.02 -16.05 -22.30
CA ASP A 376 -16.64 -14.72 -22.76
C ASP A 376 -16.52 -13.63 -21.67
N PRO A 377 -15.28 -13.38 -21.18
CA PRO A 377 -15.02 -12.37 -20.17
C PRO A 377 -15.61 -10.99 -20.53
N LYS A 378 -15.40 -10.52 -21.75
CA LYS A 378 -16.00 -9.23 -22.20
C LYS A 378 -17.53 -9.19 -22.06
N THR A 379 -18.19 -10.29 -22.43
CA THR A 379 -19.66 -10.37 -22.31
C THR A 379 -20.14 -10.48 -20.84
N ILE A 380 -19.39 -11.19 -20.01
CA ILE A 380 -19.71 -11.19 -18.57
C ILE A 380 -19.57 -9.78 -17.98
N ILE A 381 -18.43 -9.14 -18.23
CA ILE A 381 -18.17 -7.75 -17.76
C ILE A 381 -19.30 -6.81 -18.24
N ALA A 382 -19.65 -6.90 -19.52
CA ALA A 382 -20.67 -6.01 -20.07
C ALA A 382 -22.02 -6.25 -19.39
N ALA A 383 -22.33 -7.51 -19.07
CA ALA A 383 -23.58 -7.83 -18.36
C ALA A 383 -23.59 -7.41 -16.88
N LEU A 384 -22.40 -7.11 -16.33
CA LEU A 384 -22.27 -6.59 -14.96
C LEU A 384 -22.05 -5.07 -14.85
N THR A 385 -22.03 -4.37 -15.97
CA THR A 385 -21.65 -2.96 -15.95
C THR A 385 -22.87 -2.04 -15.94
N CYS A 386 -23.01 -1.27 -14.87
CA CYS A 386 -24.01 -0.23 -14.76
C CYS A 386 -25.43 -0.72 -15.10
N LYS A 387 -25.80 -1.91 -14.62
CA LYS A 387 -27.10 -2.53 -14.98
C LYS A 387 -28.24 -2.17 -14.04
N LYS A 388 -27.91 -1.76 -12.81
CA LYS A 388 -28.89 -1.31 -11.83
C LYS A 388 -28.44 0.03 -11.25
N PRO A 389 -29.37 0.98 -11.09
CA PRO A 389 -28.98 2.32 -10.70
C PRO A 389 -28.18 2.42 -9.39
N ASP A 390 -28.43 1.54 -8.44
CA ASP A 390 -27.78 1.71 -7.16
C ASP A 390 -26.72 0.62 -6.97
N GLN A 391 -26.28 0.03 -8.08
CA GLN A 391 -25.52 -1.24 -8.07
C GLN A 391 -24.35 -1.16 -7.09
N HIS A 392 -24.28 -2.14 -6.19
CA HIS A 392 -23.33 -2.08 -5.09
C HIS A 392 -21.96 -2.75 -5.30
N PHE A 393 -21.62 -3.05 -6.56
CA PHE A 393 -20.28 -3.48 -6.96
C PHE A 393 -20.00 -2.92 -8.38
N LYS A 394 -18.71 -2.90 -8.73
CA LYS A 394 -18.26 -2.54 -10.08
C LYS A 394 -17.30 -3.59 -10.60
N PRO A 395 -17.56 -4.11 -11.80
CA PRO A 395 -16.65 -5.04 -12.48
C PRO A 395 -15.43 -4.37 -13.17
N TYR A 396 -14.32 -5.12 -13.23
CA TYR A 396 -13.06 -4.70 -13.81
C TYR A 396 -12.32 -5.90 -14.38
N MET A 397 -11.70 -5.75 -15.55
CA MET A 397 -10.61 -6.64 -15.92
C MET A 397 -9.50 -6.28 -14.92
N LYS A 398 -8.75 -7.25 -14.42
CA LYS A 398 -7.81 -6.96 -13.32
C LYS A 398 -6.78 -5.89 -13.62
N GLN A 399 -6.39 -5.78 -14.90
CA GLN A 399 -5.40 -4.78 -15.29
C GLN A 399 -5.98 -3.35 -15.28
N HIS A 400 -7.30 -3.21 -15.31
CA HIS A 400 -7.95 -1.89 -15.17
C HIS A 400 -8.20 -1.44 -13.73
N LEU A 401 -7.96 -2.33 -12.76
CA LEU A 401 -8.14 -1.94 -11.35
C LEU A 401 -7.25 -0.73 -11.05
N PRO A 402 -7.65 0.14 -10.09
CA PRO A 402 -6.72 1.23 -9.70
C PRO A 402 -5.32 0.69 -9.39
N LYS A 403 -4.31 1.30 -9.95
CA LYS A 403 -2.91 0.83 -9.80
C LYS A 403 -2.40 0.87 -8.38
N ARG A 404 -2.98 1.73 -7.55
CA ARG A 404 -2.68 1.79 -6.13
C ARG A 404 -2.92 0.48 -5.43
N LEU A 405 -3.88 -0.34 -5.92
CA LEU A 405 -4.18 -1.64 -5.29
C LEU A 405 -3.08 -2.69 -5.58
N HIS A 406 -2.28 -2.45 -6.62
CA HIS A 406 -1.25 -3.41 -7.02
C HIS A 406 -1.79 -4.84 -7.03
N TYR A 407 -2.93 -5.05 -7.68
CA TYR A 407 -3.60 -6.36 -7.59
C TYR A 407 -3.88 -6.97 -8.96
N ALA A 408 -2.84 -7.41 -9.65
CA ALA A 408 -3.04 -7.97 -11.00
C ALA A 408 -2.02 -9.01 -11.37
N ASN A 409 -0.75 -8.79 -11.03
CA ASN A 409 0.37 -9.60 -11.56
C ASN A 409 0.61 -10.92 -10.82
N ASN A 410 -0.38 -11.80 -10.88
CA ASN A 410 -0.28 -13.14 -10.31
C ASN A 410 -1.30 -14.01 -10.99
N ARG A 411 -0.94 -15.24 -11.35
CA ARG A 411 -1.88 -16.11 -12.12
C ARG A 411 -3.07 -16.59 -11.26
N ARG A 412 -2.99 -16.36 -9.94
CA ARG A 412 -4.05 -16.78 -9.00
C ARG A 412 -5.04 -15.69 -8.84
N ILE A 413 -4.83 -14.59 -9.55
CA ILE A 413 -5.81 -13.47 -9.52
C ILE A 413 -6.60 -13.58 -10.81
N GLU A 414 -7.89 -13.87 -10.68
CA GLU A 414 -8.77 -14.05 -11.83
C GLU A 414 -8.82 -12.79 -12.68
N ASP A 415 -8.97 -12.96 -14.01
CA ASP A 415 -9.04 -11.82 -14.94
C ASP A 415 -10.18 -10.86 -14.60
N ILE A 416 -11.30 -11.39 -14.13
CA ILE A 416 -12.45 -10.58 -13.77
C ILE A 416 -12.47 -10.36 -12.27
N HIS A 417 -12.51 -9.08 -11.86
CA HIS A 417 -12.60 -8.69 -10.48
C HIS A 417 -13.82 -7.78 -10.22
N LEU A 418 -14.46 -7.99 -9.08
CA LEU A 418 -15.53 -7.13 -8.64
C LEU A 418 -15.10 -6.36 -7.39
N LEU A 419 -15.00 -5.04 -7.50
CA LEU A 419 -14.81 -4.20 -6.32
CA LEU A 419 -14.79 -4.17 -6.35
C LEU A 419 -16.15 -3.90 -5.73
N VAL A 420 -16.33 -4.35 -4.49
CA VAL A 420 -17.62 -4.30 -3.83
C VAL A 420 -17.71 -3.11 -2.89
N ASP A 421 -18.85 -2.40 -2.92
CA ASP A 421 -19.06 -1.28 -2.03
C ASP A 421 -18.86 -1.63 -0.57
N ARG A 422 -18.31 -0.72 0.24
CA ARG A 422 -18.32 -0.96 1.67
C ARG A 422 -19.77 -1.28 2.15
N ARG A 423 -19.84 -2.25 3.06
CA ARG A 423 -21.08 -2.64 3.77
CA ARG A 423 -21.08 -2.64 3.75
C ARG A 423 -21.89 -3.71 2.99
N TRP A 424 -21.44 -4.04 1.78
CA TRP A 424 -22.07 -5.04 0.92
C TRP A 424 -21.24 -6.30 0.71
N HIS A 425 -21.93 -7.35 0.25
CA HIS A 425 -21.37 -8.59 -0.25
C HIS A 425 -21.79 -8.82 -1.69
N VAL A 426 -21.03 -9.63 -2.41
CA VAL A 426 -21.50 -10.15 -3.67
C VAL A 426 -21.54 -11.70 -3.57
N ALA A 427 -22.59 -12.32 -4.12
CA ALA A 427 -22.71 -13.77 -4.15
C ALA A 427 -23.22 -14.25 -5.54
N ARG A 428 -23.02 -15.53 -5.87
CA ARG A 428 -23.42 -16.02 -7.18
C ARG A 428 -24.96 -16.20 -7.29
N LYS A 429 -25.53 -16.99 -6.39
CA LYS A 429 -26.97 -17.33 -6.42
CA LYS A 429 -26.98 -17.25 -6.42
C LYS A 429 -27.54 -17.19 -5.00
N PRO A 430 -28.84 -16.91 -4.87
CA PRO A 430 -29.39 -16.74 -3.50
C PRO A 430 -29.21 -17.91 -2.51
N LEU A 431 -29.18 -19.15 -3.02
CA LEU A 431 -28.97 -20.34 -2.17
C LEU A 431 -27.57 -20.41 -1.57
N ASP A 432 -26.63 -19.63 -2.10
CA ASP A 432 -25.28 -19.56 -1.52
C ASP A 432 -25.26 -18.83 -0.20
N VAL A 433 -26.29 -18.02 0.05
CA VAL A 433 -26.37 -17.18 1.25
C VAL A 433 -27.39 -17.72 2.28
N TYR A 434 -28.34 -18.55 1.85
CA TYR A 434 -29.36 -19.08 2.79
C TYR A 434 -29.22 -20.58 3.12
N LYS A 435 -28.05 -21.13 2.80
CA LYS A 435 -27.73 -22.55 3.04
C LYS A 435 -26.37 -22.69 3.74
N CYS A 441 -29.68 -14.86 9.38
CA CYS A 441 -28.36 -14.43 8.94
C CYS A 441 -27.26 -14.74 9.96
N PHE A 442 -26.13 -15.24 9.46
CA PHE A 442 -25.00 -15.68 10.30
C PHE A 442 -24.21 -14.55 11.02
N PHE A 443 -24.05 -13.42 10.34
CA PHE A 443 -22.98 -12.45 10.63
C PHE A 443 -23.47 -11.01 10.57
N GLN A 444 -22.72 -10.11 11.20
CA GLN A 444 -23.01 -8.68 11.18
C GLN A 444 -21.79 -7.82 10.86
N GLY A 445 -20.63 -8.47 10.78
CA GLY A 445 -19.39 -7.80 10.39
C GLY A 445 -18.64 -8.54 9.28
N ASP A 446 -17.94 -7.78 8.44
CA ASP A 446 -16.95 -8.36 7.50
C ASP A 446 -15.88 -7.33 7.09
N HIS A 447 -14.86 -7.82 6.39
CA HIS A 447 -13.74 -7.02 5.91
C HIS A 447 -13.25 -7.61 4.60
N GLY A 448 -12.41 -6.89 3.87
CA GLY A 448 -11.97 -7.37 2.55
C GLY A 448 -11.96 -6.27 1.52
N PHE A 449 -12.64 -5.16 1.80
CA PHE A 449 -12.91 -4.10 0.83
C PHE A 449 -11.62 -3.37 0.50
N ASP A 450 -11.70 -2.58 -0.57
CA ASP A 450 -10.68 -1.60 -0.99
C ASP A 450 -9.91 -1.04 0.23
N ASN A 451 -8.57 -1.07 0.16
CA ASN A 451 -7.78 -0.68 1.33
C ASN A 451 -7.75 0.81 1.68
N LYS A 452 -8.41 1.66 0.89
CA LYS A 452 -8.57 3.06 1.25
CA LYS A 452 -8.50 3.05 1.31
C LYS A 452 -9.73 3.33 2.20
N VAL A 453 -10.64 2.35 2.32
CA VAL A 453 -11.87 2.50 3.12
C VAL A 453 -11.55 2.72 4.59
N ASN A 454 -12.12 3.75 5.21
CA ASN A 454 -11.84 4.04 6.61
C ASN A 454 -12.06 2.88 7.54
N SER A 455 -13.18 2.19 7.37
CA SER A 455 -13.48 1.07 8.27
C SER A 455 -12.46 -0.12 8.16
N MET A 456 -11.71 -0.18 7.05
CA MET A 456 -10.69 -1.24 6.89
C MET A 456 -9.30 -0.90 7.49
N GLN A 457 -9.13 0.34 7.92
CA GLN A 457 -7.85 0.81 8.49
C GLN A 457 -7.63 0.10 9.83
N THR A 458 -6.36 -0.13 10.15
CA THR A 458 -5.98 -0.82 11.38
C THR A 458 -4.94 -0.01 12.20
N VAL A 459 -4.16 -0.69 13.06
CA VAL A 459 -3.40 -0.01 14.09
CA VAL A 459 -3.41 -0.06 14.14
C VAL A 459 -1.90 -0.29 14.05
N PHE A 460 -1.13 0.67 14.55
CA PHE A 460 0.33 0.49 14.78
C PHE A 460 0.77 1.27 16.00
N VAL A 461 1.44 0.55 16.91
CA VAL A 461 2.14 1.16 18.04
C VAL A 461 3.47 0.43 18.17
N GLY A 462 4.53 1.22 18.36
CA GLY A 462 5.86 0.71 18.56
C GLY A 462 6.33 1.23 19.91
N TYR A 463 6.81 0.34 20.76
CA TYR A 463 7.22 0.76 22.09
C TYR A 463 8.52 0.03 22.45
N GLY A 464 9.54 0.77 22.92
CA GLY A 464 10.82 0.16 23.27
C GLY A 464 11.99 1.11 23.13
N PRO A 465 13.24 0.63 23.38
CA PRO A 465 14.39 1.55 23.29
C PRO A 465 14.64 2.09 21.89
N THR A 466 14.28 1.35 20.83
CA THR A 466 14.64 1.80 19.49
C THR A 466 13.57 2.71 18.91
N PHE A 467 12.34 2.67 19.45
CA PHE A 467 11.25 3.54 19.00
C PHE A 467 11.32 4.86 19.74
N LYS A 468 10.63 5.88 19.23
CA LYS A 468 10.62 7.17 19.89
CA LYS A 468 10.62 7.18 19.90
C LYS A 468 9.68 7.20 21.10
N TYR A 469 9.86 8.21 21.95
CA TYR A 469 9.15 8.40 23.19
C TYR A 469 7.95 9.35 22.95
N ARG A 470 6.74 8.95 23.34
CA ARG A 470 5.54 9.77 23.16
C ARG A 470 5.45 10.51 21.82
N THR A 471 5.54 9.78 20.71
CA THR A 471 5.60 10.44 19.39
C THR A 471 4.46 9.92 18.48
N LYS A 472 3.74 10.85 17.86
N LYS A 472 3.73 10.85 17.87
CA LYS A 472 2.75 10.54 16.83
CA LYS A 472 2.77 10.53 16.83
C LYS A 472 3.38 10.64 15.45
C LYS A 472 3.41 10.63 15.45
N VAL A 473 3.18 9.62 14.61
CA VAL A 473 3.70 9.67 13.26
C VAL A 473 2.49 9.64 12.32
N PRO A 474 2.63 10.15 11.10
CA PRO A 474 1.54 10.12 10.12
C PRO A 474 1.15 8.67 9.73
N PRO A 475 -0.10 8.47 9.25
CA PRO A 475 -0.51 7.16 8.75
C PRO A 475 0.44 6.64 7.70
N PHE A 476 0.69 5.35 7.70
CA PHE A 476 1.55 4.75 6.68
C PHE A 476 1.05 3.34 6.32
N GLU A 477 1.68 2.68 5.34
CA GLU A 477 1.21 1.37 4.82
C GLU A 477 1.96 0.22 5.45
N ASN A 478 1.26 -0.90 5.72
CA ASN A 478 1.91 -2.04 6.36
C ASN A 478 3.04 -2.70 5.56
N ILE A 479 3.04 -2.52 4.23
CA ILE A 479 4.18 -2.97 3.41
C ILE A 479 5.54 -2.34 3.85
N GLU A 480 5.51 -1.23 4.60
CA GLU A 480 6.77 -0.56 5.05
C GLU A 480 7.39 -1.18 6.32
N LEU A 481 6.66 -2.02 7.03
CA LEU A 481 7.15 -2.52 8.33
C LEU A 481 8.26 -3.55 8.23
N TYR A 482 8.24 -4.41 7.21
CA TYR A 482 9.32 -5.38 7.12
C TYR A 482 10.70 -4.72 7.25
N ASN A 483 10.89 -3.58 6.55
CA ASN A 483 12.18 -2.85 6.55
C ASN A 483 12.53 -2.33 7.98
N VAL A 484 11.53 -1.74 8.63
CA VAL A 484 11.71 -1.26 9.97
C VAL A 484 12.09 -2.41 10.91
N MET A 485 11.43 -3.57 10.74
CA MET A 485 11.73 -4.69 11.61
C MET A 485 13.10 -5.24 11.33
N CYS A 486 13.53 -5.22 10.07
CA CYS A 486 14.93 -5.49 9.76
C CYS A 486 15.90 -4.50 10.42
N ASP A 487 15.61 -3.19 10.36
CA ASP A 487 16.45 -2.17 11.05
C ASP A 487 16.47 -2.44 12.57
N LEU A 488 15.33 -2.86 13.14
CA LEU A 488 15.25 -3.12 14.58
C LEU A 488 16.12 -4.29 14.98
N LEU A 489 16.47 -5.15 14.02
CA LEU A 489 17.21 -6.37 14.27
C LEU A 489 18.62 -6.42 13.64
N GLY A 490 19.06 -5.32 13.04
CA GLY A 490 20.37 -5.24 12.42
C GLY A 490 20.43 -6.00 11.11
N LEU A 491 19.27 -6.29 10.50
CA LEU A 491 19.24 -7.16 9.35
C LEU A 491 19.25 -6.35 8.06
N LYS A 492 19.82 -6.90 7.00
CA LYS A 492 19.66 -6.31 5.67
C LYS A 492 18.37 -6.85 5.03
N PRO A 493 17.39 -5.97 4.75
CA PRO A 493 16.16 -6.55 4.20
C PRO A 493 16.29 -7.17 2.80
N ALA A 494 15.60 -8.27 2.60
CA ALA A 494 15.42 -8.82 1.25
C ALA A 494 14.69 -7.77 0.35
N PRO A 495 14.84 -7.82 -1.00
CA PRO A 495 14.16 -6.80 -1.85
C PRO A 495 12.65 -6.83 -1.66
N ASN A 496 12.04 -5.68 -1.39
CA ASN A 496 10.62 -5.71 -1.07
C ASN A 496 9.93 -4.44 -1.57
N ASN A 497 8.64 -4.26 -1.24
CA ASN A 497 7.85 -3.12 -1.76
C ASN A 497 7.81 -1.91 -0.84
N GLY A 498 8.37 -2.04 0.37
CA GLY A 498 8.60 -0.87 1.23
C GLY A 498 9.60 0.08 0.53
N THR A 499 9.65 1.31 1.01
CA THR A 499 10.63 2.34 0.60
C THR A 499 11.49 2.60 1.83
N HIS A 500 12.67 2.01 1.87
CA HIS A 500 13.50 2.00 3.08
C HIS A 500 14.02 3.39 3.36
N GLY A 501 13.74 3.88 4.57
CA GLY A 501 14.00 5.26 4.91
C GLY A 501 12.69 6.02 5.11
N SER A 502 11.60 5.55 4.52
CA SER A 502 10.33 6.29 4.58
C SER A 502 9.76 6.32 6.02
N LEU A 503 10.10 5.28 6.81
CA LEU A 503 9.72 5.23 8.24
C LEU A 503 10.88 5.46 9.23
N ASN A 504 11.99 6.07 8.78
CA ASN A 504 13.03 6.41 9.75
C ASN A 504 12.53 7.31 10.88
N HIS A 505 11.51 8.14 10.63
CA HIS A 505 10.96 8.99 11.69
C HIS A 505 10.25 8.20 12.84
N LEU A 506 10.10 6.89 12.72
CA LEU A 506 9.55 6.14 13.84
C LEU A 506 10.61 5.82 14.89
N LEU A 507 11.88 5.96 14.50
CA LEU A 507 12.98 5.38 15.25
C LEU A 507 13.88 6.42 15.95
N ARG A 508 14.21 6.14 17.20
CA ARG A 508 15.14 6.92 17.99
C ARG A 508 16.55 6.78 17.41
N THR A 509 16.90 5.57 17.00
CA THR A 509 18.19 5.33 16.32
C THR A 509 17.99 4.37 15.14
N ASN A 510 18.39 4.80 13.93
CA ASN A 510 18.36 3.92 12.72
C ASN A 510 19.72 3.49 12.17
N THR A 511 19.79 2.23 11.77
CA THR A 511 20.95 1.68 11.08
C THR A 511 20.88 2.03 9.57
N PHE A 512 19.74 2.56 9.12
CA PHE A 512 19.61 2.85 7.68
C PHE A 512 19.65 4.32 7.28
N ARG A 513 20.62 4.63 6.43
CA ARG A 513 20.75 5.96 5.85
C ARG A 513 20.43 5.88 4.34
N PRO A 514 19.24 6.38 3.97
CA PRO A 514 18.88 6.27 2.56
C PRO A 514 19.65 7.28 1.72
N THR A 515 19.91 6.94 0.47
CA THR A 515 20.50 7.89 -0.47
C THR A 515 19.75 7.79 -1.81
N MET A 516 19.75 8.89 -2.56
CA MET A 516 19.05 8.94 -3.83
C MET A 516 19.66 7.97 -4.85
N PRO A 517 18.82 7.28 -5.63
CA PRO A 517 19.43 6.44 -6.69
C PRO A 517 20.17 7.28 -7.72
N ASP A 518 21.26 6.76 -8.28
CA ASP A 518 22.02 7.55 -9.27
C ASP A 518 21.27 7.66 -10.61
N GLU A 519 21.42 8.82 -11.26
CA GLU A 519 20.87 9.05 -12.60
C GLU A 519 21.62 8.16 -13.58
N VAL A 520 20.90 7.42 -14.40
CA VAL A 520 21.55 6.54 -15.40
C VAL A 520 21.73 7.31 -16.72
N SER A 521 20.68 8.00 -17.20
CA SER A 521 20.76 8.72 -18.45
C SER A 521 20.80 10.21 -18.22
N ARG A 522 21.81 10.87 -18.78
CA ARG A 522 21.85 12.30 -18.67
C ARG A 522 21.15 12.90 -19.88
N PRO A 523 20.45 14.03 -19.71
CA PRO A 523 19.70 14.55 -20.85
C PRO A 523 20.58 15.26 -21.85
N ASN A 524 20.08 15.36 -23.10
CA ASN A 524 20.60 16.29 -24.09
C ASN A 524 19.85 17.60 -23.97
N TYR A 525 20.51 18.69 -24.30
CA TYR A 525 19.88 20.00 -24.30
C TYR A 525 19.92 20.57 -25.74
N PRO A 526 19.01 20.10 -26.65
CA PRO A 526 19.21 20.50 -28.06
C PRO A 526 18.94 21.99 -28.28
N GLY A 527 19.67 22.62 -29.21
CA GLY A 527 19.33 23.96 -29.65
C GLY A 527 18.44 23.88 -30.89
N ILE A 528 18.28 24.99 -31.59
CA ILE A 528 17.50 25.04 -32.83
C ILE A 528 18.34 24.48 -33.96
N MET A 529 17.92 23.36 -34.54
CA MET A 529 18.77 22.55 -35.43
CA MET A 529 18.79 22.64 -35.46
C MET A 529 18.12 22.24 -36.77
N TYR A 530 16.84 22.51 -36.91
CA TYR A 530 16.07 22.07 -38.07
C TYR A 530 15.26 23.20 -38.60
N LEU A 531 15.14 23.27 -39.92
CA LEU A 531 14.26 24.22 -40.55
C LEU A 531 12.88 23.60 -40.74
N GLN A 532 11.87 24.46 -40.69
CA GLN A 532 10.47 24.07 -40.89
C GLN A 532 10.31 23.17 -42.11
N SER A 533 10.88 23.56 -43.26
CA SER A 533 10.72 22.74 -44.46
C SER A 533 11.33 21.34 -44.41
N GLU A 534 12.15 21.02 -43.41
CA GLU A 534 12.61 19.61 -43.25
C GLU A 534 11.52 18.69 -42.69
N PHE A 535 10.44 19.25 -42.15
CA PHE A 535 9.38 18.38 -41.59
C PHE A 535 8.32 18.07 -42.61
N ASP A 536 7.86 16.83 -42.61
CA ASP A 536 6.72 16.46 -43.40
C ASP A 536 5.82 15.62 -42.47
N LEU A 537 5.26 16.27 -41.45
CA LEU A 537 4.49 15.54 -40.43
C LEU A 537 3.00 15.53 -40.78
N GLY A 538 2.66 16.30 -41.82
CA GLY A 538 1.27 16.47 -42.27
C GLY A 538 0.51 17.29 -41.25
N CYS A 539 1.21 18.11 -40.49
CA CYS A 539 0.60 18.97 -39.46
C CYS A 539 0.44 20.40 -39.98
N THR A 540 -0.54 21.12 -39.44
CA THR A 540 -0.80 22.50 -39.86
C THR A 540 -1.03 23.42 -38.66
N CYS A 541 -0.64 24.68 -38.82
CA CYS A 541 -0.94 25.70 -37.85
C CYS A 541 -0.99 27.09 -38.48
N ASP A 542 -1.98 27.87 -38.05
CA ASP A 542 -2.13 29.28 -38.39
C ASP A 542 -1.17 30.12 -37.52
N ASP A 543 0.10 30.22 -37.91
CA ASP A 543 1.10 30.88 -37.03
C ASP A 543 2.08 31.91 -37.64
N LYS A 544 1.99 32.16 -38.97
CA LYS A 544 2.89 33.11 -39.66
C LYS A 544 2.69 34.55 -39.19
N VAL A 545 1.47 34.87 -38.72
CA VAL A 545 1.05 36.23 -38.30
C VAL A 545 2.08 36.83 -37.30
N GLU A 546 2.99 37.64 -37.84
CA GLU A 546 4.16 38.12 -37.09
C GLU A 546 4.04 39.60 -36.75
N ASN A 549 10.65 43.36 -32.99
CA ASN A 549 11.00 43.93 -31.70
C ASN A 549 12.06 43.09 -31.01
N LYS A 550 13.06 43.75 -30.42
CA LYS A 550 14.23 43.05 -29.84
C LYS A 550 14.28 42.97 -28.29
N LEU A 551 13.46 43.77 -27.61
CA LEU A 551 13.26 43.63 -26.16
C LEU A 551 12.44 42.34 -25.90
N GLU A 552 11.47 42.07 -26.79
CA GLU A 552 10.61 40.86 -26.76
C GLU A 552 11.22 39.59 -27.34
N GLU A 553 11.99 39.75 -28.43
CA GLU A 553 12.61 38.59 -29.11
C GLU A 553 13.77 37.98 -28.32
N LEU A 554 14.57 38.82 -27.64
CA LEU A 554 15.61 38.36 -26.70
C LEU A 554 15.00 37.67 -25.45
N ASN A 555 13.81 38.12 -25.06
CA ASN A 555 13.03 37.54 -23.96
C ASN A 555 12.52 36.13 -24.30
N LYS A 556 12.18 35.89 -25.57
CA LYS A 556 11.65 34.60 -26.04
C LYS A 556 12.73 33.51 -26.17
N ARG A 557 13.95 33.92 -26.49
CA ARG A 557 15.10 33.01 -26.60
C ARG A 557 15.72 32.70 -25.23
N LEU A 558 15.58 33.64 -24.28
CA LEU A 558 15.93 33.41 -22.88
C LEU A 558 15.04 32.30 -22.27
N HIS A 559 13.75 32.33 -22.63
CA HIS A 559 12.75 31.35 -22.19
C HIS A 559 12.98 29.94 -22.76
N THR A 560 13.37 29.87 -24.04
CA THR A 560 13.76 28.62 -24.74
C THR A 560 15.08 28.03 -24.21
N LYS A 561 15.78 28.81 -23.36
CA LYS A 561 17.07 28.41 -22.76
C LYS A 561 17.02 28.25 -21.23
N GLY A 562 15.82 28.37 -20.66
CA GLY A 562 15.62 28.04 -19.25
C GLY A 562 15.73 29.19 -18.26
N SER A 563 15.28 30.37 -18.66
CA SER A 563 15.21 31.51 -17.74
C SER A 563 14.06 31.36 -16.72
N THR A 564 12.90 30.86 -17.17
CA THR A 564 11.76 30.63 -16.26
C THR A 564 11.80 29.26 -15.59
N LYS A 565 12.91 28.53 -15.73
CA LYS A 565 12.95 27.13 -15.27
C LYS A 565 12.80 27.00 -13.75
N GLU A 566 13.32 27.97 -12.99
CA GLU A 566 13.17 28.03 -11.53
C GLU A 566 11.69 28.12 -11.12
N ARG A 567 10.88 28.71 -11.99
CA ARG A 567 9.46 28.90 -11.79
C ARG A 567 8.65 27.58 -12.01
N HIS A 568 9.04 26.80 -13.04
CA HIS A 568 8.23 25.66 -13.50
C HIS A 568 8.80 24.27 -13.11
N LEU A 569 10.06 24.23 -12.73
CA LEU A 569 10.67 23.02 -12.22
C LEU A 569 11.12 23.38 -10.81
N LEU A 570 10.27 23.13 -9.82
CA LEU A 570 10.50 23.64 -8.47
C LEU A 570 11.37 22.72 -7.59
N TYR A 571 11.50 21.46 -8.01
CA TYR A 571 12.14 20.43 -7.19
C TYR A 571 13.20 19.73 -8.00
N GLY A 572 13.76 20.44 -8.98
CA GLY A 572 14.85 19.92 -9.78
C GLY A 572 14.26 19.06 -10.87
N ARG A 573 15.07 18.66 -11.85
CA ARG A 573 14.46 17.77 -12.84
C ARG A 573 14.51 16.31 -12.37
N PRO A 574 13.48 15.52 -12.75
CA PRO A 574 13.47 14.14 -12.34
C PRO A 574 14.71 13.44 -12.88
N ALA A 575 15.27 12.50 -12.13
CA ALA A 575 16.31 11.64 -12.70
C ALA A 575 15.73 10.44 -13.49
N VAL A 576 16.32 10.15 -14.64
CA VAL A 576 15.98 8.96 -15.42
C VAL A 576 16.90 7.84 -14.94
N LEU A 577 16.29 6.79 -14.40
CA LEU A 577 16.98 5.64 -13.80
C LEU A 577 17.21 4.45 -14.72
N TYR A 578 17.10 4.65 -16.04
CA TYR A 578 17.39 3.57 -16.99
C TYR A 578 18.05 4.19 -18.20
N ARG A 579 18.59 3.33 -19.08
CA ARG A 579 19.32 3.75 -20.27
CA ARG A 579 19.34 3.77 -20.26
C ARG A 579 18.37 4.17 -21.37
N THR A 580 18.53 5.41 -21.85
CA THR A 580 17.63 5.91 -22.84
C THR A 580 18.16 7.20 -23.43
N SER A 581 17.48 7.70 -24.48
CA SER A 581 17.87 8.93 -25.12
CA SER A 581 17.84 8.93 -25.16
C SER A 581 16.74 9.96 -25.00
N TYR A 582 17.05 11.09 -24.38
CA TYR A 582 16.00 12.09 -24.20
C TYR A 582 16.55 13.50 -24.15
N ASP A 583 15.64 14.45 -24.37
CA ASP A 583 15.99 15.88 -24.49
C ASP A 583 15.28 16.73 -23.45
N ILE A 584 15.97 17.68 -22.83
CA ILE A 584 15.26 18.71 -22.02
C ILE A 584 14.83 19.79 -22.94
N LEU A 585 13.55 20.16 -22.85
CA LEU A 585 12.96 21.18 -23.69
C LEU A 585 12.38 22.28 -22.80
N TYR A 586 12.89 23.50 -22.97
CA TYR A 586 12.43 24.65 -22.17
C TYR A 586 11.42 25.50 -22.88
N HIS A 587 10.52 26.12 -22.12
CA HIS A 587 9.50 26.97 -22.70
C HIS A 587 9.10 28.00 -21.66
N THR A 588 8.40 29.06 -22.11
CA THR A 588 7.93 30.06 -21.17
C THR A 588 7.06 29.46 -20.07
N ASP A 589 6.16 28.55 -20.44
CA ASP A 589 5.18 28.05 -19.46
C ASP A 589 5.47 26.69 -18.82
N PHE A 590 6.32 25.87 -19.46
CA PHE A 590 6.51 24.49 -19.03
C PHE A 590 7.88 24.04 -19.49
N GLU A 591 8.45 23.10 -18.74
CA GLU A 591 9.68 22.42 -19.12
CA GLU A 591 9.68 22.45 -19.13
C GLU A 591 9.37 20.95 -19.34
N SER A 592 10.07 20.29 -20.27
CA SER A 592 9.83 18.85 -20.44
C SER A 592 11.08 17.97 -20.66
N GLY A 593 10.92 16.68 -20.36
CA GLY A 593 11.91 15.67 -20.67
C GLY A 593 11.37 14.82 -21.81
N TYR A 594 11.89 15.05 -23.02
CA TYR A 594 11.30 14.47 -24.23
C TYR A 594 12.05 13.21 -24.72
N SER A 595 11.35 12.08 -24.78
CA SER A 595 12.00 10.83 -25.09
C SER A 595 12.03 10.63 -26.62
N GLU A 596 13.22 10.46 -27.16
CA GLU A 596 13.42 10.23 -28.58
C GLU A 596 13.08 8.80 -28.97
N ILE A 597 12.94 7.94 -27.97
CA ILE A 597 12.64 6.53 -28.16
C ILE A 597 11.10 6.36 -28.17
N PHE A 598 10.40 7.03 -27.25
CA PHE A 598 8.95 6.90 -27.15
C PHE A 598 8.21 8.03 -27.88
N LEU A 599 8.97 9.00 -28.44
CA LEU A 599 8.45 10.05 -29.27
C LEU A 599 7.50 10.98 -28.53
N MET A 600 7.70 11.16 -27.23
CA MET A 600 6.82 11.99 -26.45
C MET A 600 7.52 12.26 -25.12
N PRO A 601 7.06 13.27 -24.37
CA PRO A 601 7.68 13.48 -23.07
C PRO A 601 7.47 12.30 -22.10
N LEU A 602 8.50 12.02 -21.29
CA LEU A 602 8.43 11.15 -20.11
C LEU A 602 7.82 11.96 -18.95
N TRP A 603 8.03 13.28 -18.99
CA TRP A 603 7.49 14.19 -17.96
C TRP A 603 7.38 15.59 -18.53
N THR A 604 6.39 16.33 -18.03
CA THR A 604 6.14 17.73 -18.39
C THR A 604 5.86 18.44 -17.07
N SER A 605 6.65 19.46 -16.77
CA SER A 605 6.53 20.16 -15.48
C SER A 605 6.15 21.64 -15.65
N TYR A 606 5.18 22.09 -14.85
CA TYR A 606 4.73 23.49 -14.92
C TYR A 606 4.05 23.92 -13.64
N THR A 607 4.07 25.22 -13.37
CA THR A 607 3.50 25.78 -12.16
C THR A 607 2.39 26.77 -12.50
N ILE A 608 1.30 26.69 -11.76
CA ILE A 608 0.13 27.53 -11.97
C ILE A 608 -0.14 28.19 -10.64
N SER A 609 0.05 29.50 -10.61
CA SER A 609 -0.09 30.26 -9.34
C SER A 609 -1.57 30.48 -9.05
N LYS A 610 -1.89 30.88 -7.82
CA LYS A 610 -3.25 31.18 -7.43
C LYS A 610 -3.90 32.23 -8.35
N GLN A 611 -3.12 33.20 -8.78
CA GLN A 611 -3.67 34.29 -9.60
C GLN A 611 -3.72 34.01 -11.10
N ALA A 612 -3.16 32.89 -11.53
CA ALA A 612 -3.13 32.52 -12.95
C ALA A 612 -4.53 32.42 -13.54
N GLU A 613 -4.63 32.77 -14.81
CA GLU A 613 -5.93 32.81 -15.50
C GLU A 613 -6.06 31.73 -16.60
N VAL A 614 -7.29 31.25 -16.77
CA VAL A 614 -7.64 30.27 -17.80
C VAL A 614 -8.12 31.02 -19.03
N SER A 615 -7.58 30.66 -20.20
CA SER A 615 -8.12 31.14 -21.45
C SER A 615 -8.60 29.97 -22.29
N SER A 616 -9.21 30.29 -23.43
CA SER A 616 -9.67 29.25 -24.35
C SER A 616 -8.62 29.03 -25.44
N ILE A 617 -8.83 28.02 -26.27
CA ILE A 617 -8.03 27.86 -27.49
C ILE A 617 -8.67 28.75 -28.59
N PRO A 618 -7.97 29.84 -29.00
CA PRO A 618 -8.47 30.70 -30.08
C PRO A 618 -8.90 29.82 -31.24
N GLU A 619 -9.98 30.21 -31.92
CA GLU A 619 -10.58 29.39 -32.99
C GLU A 619 -9.58 29.08 -34.12
N HIS A 620 -8.73 30.06 -34.44
CA HIS A 620 -7.71 29.94 -35.51
C HIS A 620 -6.57 28.91 -35.22
N LEU A 621 -6.53 28.41 -33.98
CA LEU A 621 -5.54 27.39 -33.55
C LEU A 621 -6.19 26.06 -33.09
N THR A 622 -7.47 25.88 -33.37
CA THR A 622 -8.18 24.65 -32.96
C THR A 622 -7.38 23.37 -33.23
N ASN A 623 -6.87 23.22 -34.45
CA ASN A 623 -6.19 21.99 -34.85
C ASN A 623 -4.70 22.20 -35.15
N CYS A 624 -4.18 23.31 -34.63
CA CYS A 624 -2.77 23.65 -34.75
C CYS A 624 -1.84 22.58 -34.09
N VAL A 625 -0.93 22.01 -34.90
CA VAL A 625 0.27 21.30 -34.36
C VAL A 625 1.49 21.84 -35.11
N ARG A 626 2.54 22.22 -34.40
CA ARG A 626 3.75 22.81 -35.00
C ARG A 626 4.98 21.94 -34.71
N PRO A 627 5.84 21.76 -35.73
CA PRO A 627 7.08 21.06 -35.54
C PRO A 627 7.98 21.84 -34.58
N ASP A 628 8.85 21.09 -33.93
CA ASP A 628 9.74 21.62 -32.92
C ASP A 628 11.12 21.59 -33.57
N VAL A 629 11.66 22.77 -33.82
CA VAL A 629 12.92 22.92 -34.57
C VAL A 629 14.16 22.47 -33.80
N ARG A 630 13.99 22.13 -32.51
CA ARG A 630 15.03 21.50 -31.68
C ARG A 630 15.14 19.98 -31.82
N VAL A 631 14.11 19.34 -32.40
CA VAL A 631 13.97 17.86 -32.42
C VAL A 631 13.77 17.35 -33.87
N SER A 632 14.50 16.34 -34.29
CA SER A 632 14.46 15.94 -35.73
C SER A 632 13.10 15.39 -36.16
N PRO A 633 12.77 15.52 -37.46
CA PRO A 633 11.59 14.85 -38.01
C PRO A 633 11.55 13.39 -37.59
N GLY A 634 12.72 12.74 -37.53
CA GLY A 634 12.80 11.29 -37.32
C GLY A 634 12.49 10.90 -35.88
N PHE A 635 12.55 11.87 -34.97
CA PHE A 635 12.22 11.65 -33.55
C PHE A 635 10.96 12.38 -33.10
N SER A 636 10.09 12.68 -34.06
CA SER A 636 8.89 13.47 -33.81
C SER A 636 7.69 12.58 -34.11
N GLN A 637 6.55 12.89 -33.50
CA GLN A 637 5.31 12.31 -33.96
C GLN A 637 4.83 12.95 -35.29
N ASN A 638 3.73 12.48 -35.86
CA ASN A 638 3.18 13.13 -37.04
C ASN A 638 1.65 13.11 -37.03
N CYS A 639 1.05 14.16 -37.58
CA CYS A 639 -0.40 14.27 -37.63
C CYS A 639 -1.09 13.24 -38.52
N LEU A 640 -0.40 12.77 -39.56
CA LEU A 640 -1.00 11.82 -40.50
C LEU A 640 -1.47 10.54 -39.83
N ALA A 641 -0.60 9.92 -39.03
CA ALA A 641 -0.97 8.76 -38.22
C ALA A 641 -2.30 9.01 -37.48
N TYR A 642 -2.44 10.16 -36.82
CA TYR A 642 -3.69 10.41 -36.07
C TYR A 642 -4.89 10.56 -37.01
N LYS A 643 -4.67 11.11 -38.19
CA LYS A 643 -5.75 11.28 -39.15
C LYS A 643 -6.20 9.90 -39.58
N ASN A 644 -5.25 9.01 -39.87
CA ASN A 644 -5.57 7.66 -40.33
C ASN A 644 -6.12 6.72 -39.26
N ASP A 645 -5.75 6.94 -37.99
CA ASP A 645 -6.19 6.08 -36.91
C ASP A 645 -7.54 6.59 -36.50
N LYS A 646 -8.57 5.85 -36.87
CA LYS A 646 -9.94 6.27 -36.59
C LYS A 646 -10.37 6.14 -35.12
N GLN A 647 -9.62 5.39 -34.30
CA GLN A 647 -9.86 5.27 -32.83
C GLN A 647 -9.13 6.29 -31.94
N MET A 648 -7.96 6.71 -32.39
CA MET A 648 -7.05 7.46 -31.56
C MET A 648 -7.03 8.93 -31.95
N SER A 649 -7.24 9.83 -30.99
CA SER A 649 -6.99 11.26 -31.19
C SER A 649 -5.70 11.68 -30.41
N TYR A 650 -5.57 12.94 -29.99
CA TYR A 650 -4.40 13.36 -29.21
C TYR A 650 -4.76 14.46 -28.26
N GLY A 651 -4.01 14.60 -27.18
CA GLY A 651 -4.11 15.76 -26.30
C GLY A 651 -2.70 16.26 -26.06
N PHE A 652 -2.54 17.14 -25.08
CA PHE A 652 -1.28 17.79 -24.83
C PHE A 652 -0.99 17.67 -23.37
N LEU A 653 0.29 17.59 -23.01
CA LEU A 653 0.65 17.41 -21.59
C LEU A 653 0.60 18.74 -20.84
N PHE A 654 1.22 19.78 -21.42
CA PHE A 654 0.96 21.07 -20.86
C PHE A 654 -0.28 21.65 -21.59
N PRO A 655 -1.30 22.08 -20.84
CA PRO A 655 -2.55 22.49 -21.50
C PRO A 655 -2.52 23.90 -22.16
N PRO A 656 -2.91 23.99 -23.45
CA PRO A 656 -3.08 25.31 -24.10
C PRO A 656 -3.86 26.32 -23.21
N TYR A 657 -4.95 25.84 -22.60
CA TYR A 657 -5.80 26.63 -21.68
C TYR A 657 -5.08 27.47 -20.64
N LEU A 658 -3.88 27.06 -20.24
CA LEU A 658 -3.21 27.70 -19.12
C LEU A 658 -1.98 28.48 -19.52
N SER A 659 -1.83 28.71 -20.82
CA SER A 659 -0.72 29.49 -21.33
C SER A 659 -0.75 30.92 -20.76
N SER A 660 0.43 31.48 -20.54
CA SER A 660 0.58 32.76 -19.83
C SER A 660 0.25 33.95 -20.73
N SER A 661 0.37 33.76 -22.03
CA SER A 661 0.14 34.84 -22.99
C SER A 661 -0.21 34.28 -24.35
N PRO A 662 -0.87 35.11 -25.21
CA PRO A 662 -1.16 34.63 -26.55
C PRO A 662 0.08 34.16 -27.32
N GLU A 663 1.24 34.76 -27.07
CA GLU A 663 2.48 34.31 -27.72
C GLU A 663 2.98 32.95 -27.20
N ALA A 664 3.01 32.79 -25.86
CA ALA A 664 3.42 31.53 -25.25
C ALA A 664 2.51 30.36 -25.65
N LYS A 665 1.24 30.66 -25.93
CA LYS A 665 0.26 29.62 -26.25
C LYS A 665 0.73 28.78 -27.41
N TYR A 666 1.48 29.37 -28.34
CA TYR A 666 2.04 28.65 -29.48
C TYR A 666 2.94 27.46 -29.10
N ASP A 667 3.67 27.63 -27.99
CA ASP A 667 4.58 26.58 -27.44
C ASP A 667 3.77 25.35 -27.06
N ALA A 668 2.53 25.58 -26.64
CA ALA A 668 1.68 24.49 -26.18
C ALA A 668 1.26 23.57 -27.31
N PHE A 669 1.31 24.07 -28.55
CA PHE A 669 0.91 23.27 -29.71
C PHE A 669 2.05 22.56 -30.43
N LEU A 670 3.23 22.55 -29.82
CA LEU A 670 4.38 21.83 -30.42
C LEU A 670 4.08 20.35 -30.50
N VAL A 671 4.55 19.71 -31.56
CA VAL A 671 4.40 18.26 -31.75
C VAL A 671 5.06 17.51 -30.58
N THR A 672 6.03 18.16 -29.93
CA THR A 672 6.73 17.61 -28.75
C THR A 672 5.99 17.66 -27.41
N ASN A 673 4.81 18.28 -27.42
CA ASN A 673 3.92 18.35 -26.26
C ASN A 673 2.68 17.45 -26.43
N MET A 674 2.57 16.82 -27.60
CA MET A 674 1.41 16.00 -28.00
CA MET A 674 1.38 16.03 -27.89
C MET A 674 1.51 14.55 -27.50
N VAL A 675 0.36 13.95 -27.13
CA VAL A 675 0.35 12.54 -26.71
C VAL A 675 -0.90 11.85 -27.27
N PRO A 676 -0.84 10.53 -27.50
CA PRO A 676 -2.05 9.85 -28.02
C PRO A 676 -3.14 9.69 -26.98
N MET A 677 -4.37 10.01 -27.37
CA MET A 677 -5.49 9.93 -26.43
C MET A 677 -6.75 9.54 -27.18
N TYR A 678 -7.43 8.51 -26.66
CA TYR A 678 -8.76 8.13 -27.05
C TYR A 678 -9.74 9.30 -26.87
N PRO A 679 -10.65 9.52 -27.83
CA PRO A 679 -11.65 10.59 -27.60
C PRO A 679 -12.37 10.42 -26.24
N ALA A 680 -12.69 9.19 -25.85
CA ALA A 680 -13.38 9.02 -24.56
C ALA A 680 -12.51 9.54 -23.41
N PHE A 681 -11.20 9.29 -23.49
CA PHE A 681 -10.30 9.78 -22.45
C PHE A 681 -10.04 11.29 -22.53
N LYS A 682 -10.09 11.88 -23.74
CA LYS A 682 -9.93 13.33 -23.83
C LYS A 682 -10.97 14.11 -23.01
N ARG A 683 -12.19 13.56 -22.88
CA ARG A 683 -13.23 14.12 -22.00
C ARG A 683 -12.72 14.24 -20.55
N VAL A 684 -12.06 13.17 -20.06
CA VAL A 684 -11.47 13.21 -18.71
C VAL A 684 -10.35 14.26 -18.59
N TRP A 685 -9.39 14.17 -19.51
CA TRP A 685 -8.15 14.93 -19.45
C TRP A 685 -8.43 16.42 -19.62
N ALA A 686 -9.35 16.74 -20.52
CA ALA A 686 -9.69 18.14 -20.79
C ALA A 686 -10.38 18.82 -19.59
N TYR A 687 -11.24 18.09 -18.89
CA TYR A 687 -11.81 18.60 -17.63
C TYR A 687 -10.75 18.79 -16.53
N PHE A 688 -9.84 17.82 -16.39
CA PHE A 688 -8.74 17.96 -15.48
C PHE A 688 -7.92 19.26 -15.78
N GLN A 689 -7.56 19.46 -17.03
CA GLN A 689 -6.65 20.56 -17.41
C GLN A 689 -7.35 21.94 -17.39
N ARG A 690 -8.61 21.98 -17.87
CA ARG A 690 -9.33 23.25 -18.03
C ARG A 690 -10.00 23.69 -16.72
N VAL A 691 -10.51 22.73 -15.96
CA VAL A 691 -11.22 23.05 -14.71
C VAL A 691 -10.42 22.72 -13.45
N LEU A 692 -10.01 21.46 -13.30
CA LEU A 692 -9.48 21.07 -12.01
C LEU A 692 -8.13 21.69 -11.69
N VAL A 693 -7.23 21.79 -12.67
CA VAL A 693 -5.92 22.37 -12.32
C VAL A 693 -6.08 23.76 -11.68
N LYS A 694 -6.91 24.63 -12.28
CA LYS A 694 -7.12 25.95 -11.70
CA LYS A 694 -7.20 25.97 -11.74
C LYS A 694 -7.76 25.90 -10.32
N LYS A 695 -8.70 24.98 -10.10
CA LYS A 695 -9.35 24.93 -8.77
C LYS A 695 -8.36 24.53 -7.67
N TYR A 696 -7.47 23.61 -8.01
CA TYR A 696 -6.40 23.21 -7.09
C TYR A 696 -5.45 24.34 -6.80
N ALA A 697 -5.11 25.12 -7.83
CA ALA A 697 -4.26 26.28 -7.62
C ALA A 697 -4.93 27.32 -6.70
N SER A 698 -6.24 27.53 -6.84
CA SER A 698 -6.98 28.43 -5.95
CA SER A 698 -6.92 28.46 -5.94
CA SER A 698 -6.99 28.43 -5.96
C SER A 698 -7.08 27.89 -4.51
N GLU A 699 -7.40 26.61 -4.38
CA GLU A 699 -7.49 25.95 -3.05
C GLU A 699 -6.15 25.75 -2.35
N ARG A 700 -5.07 25.51 -3.09
CA ARG A 700 -3.80 25.11 -2.46
C ARG A 700 -2.77 26.23 -2.49
N ASN A 701 -3.18 27.37 -3.07
CA ASN A 701 -2.30 28.57 -3.21
C ASN A 701 -1.15 28.32 -4.19
N GLY A 702 -1.56 27.94 -5.39
CA GLY A 702 -0.62 27.54 -6.43
C GLY A 702 -0.39 26.04 -6.37
N VAL A 703 -0.13 25.48 -7.54
CA VAL A 703 0.33 24.09 -7.62
C VAL A 703 1.41 23.96 -8.69
N ASN A 704 2.41 23.13 -8.40
CA ASN A 704 3.27 22.57 -9.42
C ASN A 704 2.72 21.21 -9.92
N VAL A 705 2.60 21.05 -11.23
CA VAL A 705 2.11 19.81 -11.84
C VAL A 705 3.21 19.16 -12.65
N ILE A 706 3.43 17.88 -12.44
CA ILE A 706 4.26 17.06 -13.37
C ILE A 706 3.34 15.99 -13.92
N SER A 707 3.22 15.96 -15.25
CA SER A 707 2.29 15.02 -15.91
C SER A 707 3.09 14.21 -16.93
N GLY A 708 2.59 13.04 -17.32
CA GLY A 708 3.31 12.22 -18.33
C GLY A 708 2.55 10.92 -18.61
N PRO A 709 2.99 10.15 -19.62
CA PRO A 709 2.44 8.84 -19.93
C PRO A 709 3.06 7.77 -19.05
N ILE A 710 2.34 6.66 -18.93
CA ILE A 710 2.85 5.43 -18.35
C ILE A 710 2.53 4.30 -19.31
N PHE A 711 3.49 3.39 -19.48
CA PHE A 711 3.27 2.18 -20.28
C PHE A 711 3.42 0.95 -19.39
N ASP A 712 2.33 0.19 -19.18
CA ASP A 712 2.40 -1.01 -18.36
C ASP A 712 1.51 -2.09 -18.98
N TYR A 713 1.82 -2.51 -20.20
CA TYR A 713 1.03 -3.55 -20.88
C TYR A 713 1.00 -4.92 -20.18
N ASN A 714 2.03 -5.24 -19.42
CA ASN A 714 2.04 -6.54 -18.71
C ASN A 714 1.61 -6.40 -17.25
N TYR A 715 1.02 -5.25 -16.93
CA TYR A 715 0.39 -4.94 -15.63
C TYR A 715 1.22 -5.42 -14.43
N ASP A 716 2.54 -5.21 -14.46
CA ASP A 716 3.38 -5.62 -13.35
C ASP A 716 3.80 -4.46 -12.44
N GLY A 717 3.26 -3.27 -12.72
CA GLY A 717 3.47 -2.12 -11.87
C GLY A 717 4.78 -1.43 -12.17
N LEU A 718 5.48 -1.88 -13.21
CA LEU A 718 6.86 -1.43 -13.48
C LEU A 718 6.90 -0.92 -14.92
N ARG A 719 7.78 0.05 -15.18
CA ARG A 719 7.94 0.66 -16.52
C ARG A 719 8.18 -0.40 -17.59
N ASP A 720 7.41 -0.36 -18.69
CA ASP A 720 7.64 -1.26 -19.80
C ASP A 720 8.85 -0.79 -20.60
N THR A 721 9.64 -1.74 -21.07
CA THR A 721 10.63 -1.41 -22.09
C THR A 721 9.89 -1.34 -23.46
N GLU A 722 10.54 -0.77 -24.47
CA GLU A 722 9.88 -0.52 -25.75
C GLU A 722 9.42 -1.77 -26.44
N ASP A 723 10.12 -2.89 -26.24
CA ASP A 723 9.70 -4.12 -26.92
C ASP A 723 8.57 -4.83 -26.18
N GLU A 724 8.01 -4.21 -25.15
CA GLU A 724 6.82 -4.75 -24.46
C GLU A 724 5.50 -4.04 -24.86
N ILE A 725 5.60 -3.04 -25.73
CA ILE A 725 4.44 -2.20 -26.11
C ILE A 725 3.52 -2.95 -27.06
N LYS A 726 2.25 -3.06 -26.70
CA LYS A 726 1.33 -3.86 -27.52
C LYS A 726 0.47 -3.04 -28.45
N GLN A 727 0.51 -1.71 -28.32
CA GLN A 727 -0.35 -0.87 -29.15
C GLN A 727 0.39 0.38 -29.62
N TYR A 728 0.24 0.72 -30.90
CA TYR A 728 0.86 1.89 -31.50
C TYR A 728 -0.22 2.64 -32.19
N VAL A 729 -0.01 3.93 -32.43
CA VAL A 729 -0.98 4.72 -33.21
C VAL A 729 -0.90 4.17 -34.64
N GLU A 730 -2.03 3.97 -35.30
CA GLU A 730 -2.04 3.17 -36.53
C GLU A 730 -0.98 3.58 -37.57
N GLY A 731 -0.14 2.61 -37.92
CA GLY A 731 0.84 2.73 -38.98
C GLY A 731 1.97 3.66 -38.62
N SER A 732 2.30 3.72 -37.33
CA SER A 732 3.38 4.60 -36.84
C SER A 732 4.13 3.82 -35.80
N SER A 733 5.25 4.37 -35.38
CA SER A 733 5.91 3.90 -34.19
C SER A 733 5.54 4.70 -32.93
N ILE A 734 4.40 5.40 -32.93
CA ILE A 734 4.02 6.18 -31.71
C ILE A 734 3.35 5.20 -30.75
N PRO A 735 3.95 4.97 -29.58
CA PRO A 735 3.37 3.95 -28.67
C PRO A 735 2.22 4.52 -27.88
N VAL A 736 1.22 3.68 -27.58
CA VAL A 736 0.07 4.12 -26.84
C VAL A 736 0.20 3.86 -25.32
N PRO A 737 0.10 4.93 -24.51
CA PRO A 737 0.13 4.77 -23.05
C PRO A 737 -1.06 3.96 -22.53
N THR A 738 -0.81 3.17 -21.49
CA THR A 738 -1.92 2.51 -20.79
C THR A 738 -2.51 3.51 -19.74
N HIS A 739 -1.70 4.44 -19.25
CA HIS A 739 -2.16 5.37 -18.21
C HIS A 739 -1.55 6.75 -18.42
N TYR A 740 -2.17 7.79 -17.86
CA TYR A 740 -1.51 9.06 -17.76
C TYR A 740 -1.45 9.44 -16.28
N TYR A 741 -0.30 9.95 -15.83
CA TYR A 741 -0.16 10.40 -14.40
C TYR A 741 -0.12 11.91 -14.26
N SER A 742 -0.44 12.42 -13.07
CA SER A 742 0.02 13.76 -12.69
C SER A 742 0.33 13.74 -11.19
N ILE A 743 1.40 14.46 -10.84
CA ILE A 743 1.81 14.72 -9.50
C ILE A 743 1.60 16.20 -9.20
N ILE A 744 0.89 16.50 -8.11
CA ILE A 744 0.49 17.89 -7.81
C ILE A 744 0.92 18.32 -6.42
N THR A 745 1.88 19.24 -6.44
CA THR A 745 2.66 19.58 -5.28
C THR A 745 2.42 21.07 -4.98
N SER A 746 2.29 21.36 -3.69
CA SER A 746 2.28 22.74 -3.18
C SER A 746 2.87 22.80 -1.78
N CYS A 747 2.77 23.94 -1.10
CA CYS A 747 3.32 24.10 0.24
C CYS A 747 2.41 23.44 1.29
N LEU A 748 2.96 22.75 2.27
CA LEU A 748 2.06 22.25 3.32
C LEU A 748 1.42 23.46 4.07
N ASP A 749 2.22 24.48 4.36
CA ASP A 749 1.69 25.75 4.85
C ASP A 749 1.14 26.51 3.65
N PHE A 750 -0.17 26.46 3.47
CA PHE A 750 -0.79 27.07 2.27
C PHE A 750 -0.88 28.61 2.30
N THR A 751 -0.37 29.26 3.36
CA THR A 751 -0.20 30.73 3.37
C THR A 751 0.96 31.15 2.47
N GLN A 752 1.85 30.20 2.17
CA GLN A 752 2.91 30.44 1.23
C GLN A 752 2.52 29.89 -0.13
N PRO A 753 2.91 30.59 -1.23
CA PRO A 753 2.62 30.10 -2.56
C PRO A 753 3.52 28.91 -2.94
N ALA A 754 3.00 28.01 -3.78
CA ALA A 754 3.74 26.84 -4.25
C ALA A 754 5.17 27.18 -4.67
N ASP A 755 5.35 28.27 -5.42
CA ASP A 755 6.70 28.68 -5.88
C ASP A 755 7.58 29.40 -4.85
N LYS A 756 7.03 29.74 -3.70
CA LYS A 756 7.84 30.31 -2.62
C LYS A 756 7.60 29.62 -1.27
N CYS A 757 7.91 28.34 -1.23
CA CYS A 757 7.59 27.52 -0.07
C CYS A 757 8.91 27.22 0.61
N ASP A 758 9.06 27.51 1.89
CA ASP A 758 10.35 27.18 2.48
C ASP A 758 10.27 26.06 3.52
N GLY A 759 9.11 25.43 3.66
CA GLY A 759 8.93 24.30 4.59
C GLY A 759 8.52 23.02 3.86
N PRO A 760 7.84 22.09 4.58
CA PRO A 760 7.35 20.81 4.00
C PRO A 760 6.35 20.97 2.85
N LEU A 761 6.24 19.95 2.00
CA LEU A 761 5.41 20.03 0.80
C LEU A 761 4.15 19.24 1.04
N SER A 762 3.13 19.54 0.25
CA SER A 762 1.88 18.76 0.21
C SER A 762 1.75 18.19 -1.21
N VAL A 763 1.33 16.92 -1.34
CA VAL A 763 1.24 16.28 -2.67
C VAL A 763 -0.06 15.46 -2.81
N SER A 764 -0.67 15.49 -3.98
CA SER A 764 -1.60 14.42 -4.36
C SER A 764 -1.27 14.02 -5.80
N SER A 765 -1.53 12.76 -6.13
CA SER A 765 -1.13 12.25 -7.43
C SER A 765 -2.26 11.41 -7.94
N PHE A 766 -2.27 11.17 -9.23
CA PHE A 766 -3.14 10.15 -9.79
C PHE A 766 -2.48 9.42 -10.94
N ILE A 767 -2.97 8.20 -11.18
CA ILE A 767 -2.65 7.41 -12.37
C ILE A 767 -3.96 7.01 -13.06
N LEU A 768 -4.35 7.76 -14.09
CA LEU A 768 -5.61 7.52 -14.82
C LEU A 768 -5.46 6.47 -15.94
N PRO A 769 -6.32 5.46 -15.93
CA PRO A 769 -6.26 4.48 -17.01
C PRO A 769 -6.60 5.15 -18.33
N HIS A 770 -5.80 4.87 -19.35
CA HIS A 770 -6.07 5.44 -20.66
C HIS A 770 -7.01 4.51 -21.44
N ARG A 771 -8.31 4.72 -21.32
CA ARG A 771 -9.26 3.75 -21.84
C ARG A 771 -10.11 4.34 -22.96
N PRO A 772 -10.47 3.53 -23.99
CA PRO A 772 -11.23 4.01 -25.16
C PRO A 772 -12.72 4.20 -24.90
N ASP A 773 -13.20 3.77 -23.73
CA ASP A 773 -14.56 4.09 -23.30
C ASP A 773 -14.54 4.64 -21.87
N ASN A 774 -15.67 5.18 -21.43
CA ASN A 774 -15.88 5.53 -20.04
C ASN A 774 -16.82 4.56 -19.31
N ASP A 775 -16.75 3.29 -19.65
CA ASP A 775 -17.64 2.32 -19.00
C ASP A 775 -17.48 2.21 -17.47
N GLU A 776 -16.29 2.53 -16.96
CA GLU A 776 -16.04 2.56 -15.53
C GLU A 776 -16.93 3.56 -14.81
N SER A 777 -17.25 4.67 -15.46
CA SER A 777 -18.05 5.71 -14.82
C SER A 777 -19.52 5.65 -15.29
N CYS A 778 -20.42 5.17 -14.43
CA CYS A 778 -21.81 4.91 -14.81
C CYS A 778 -22.58 6.17 -15.19
N ASN A 779 -22.07 7.33 -14.78
CA ASN A 779 -22.75 8.61 -14.99
CA ASN A 779 -22.74 8.61 -14.97
C ASN A 779 -22.06 9.47 -16.03
N SER A 780 -21.23 8.82 -16.86
CA SER A 780 -20.39 9.49 -17.88
C SER A 780 -21.12 10.18 -19.04
N SER A 781 -22.40 9.86 -19.24
CA SER A 781 -23.24 10.58 -20.21
CA SER A 781 -23.24 10.58 -20.21
C SER A 781 -23.48 12.00 -19.75
N GLU A 782 -23.41 12.23 -18.45
CA GLU A 782 -23.61 13.55 -17.89
C GLU A 782 -22.39 14.47 -18.04
N ASP A 783 -22.55 15.73 -17.62
CA ASP A 783 -21.47 16.73 -17.68
C ASP A 783 -20.29 16.27 -16.87
N GLU A 784 -19.09 16.52 -17.40
CA GLU A 784 -17.86 16.09 -16.74
C GLU A 784 -17.82 16.42 -15.26
N SER A 785 -18.42 17.57 -14.87
CA SER A 785 -18.43 18.00 -13.44
C SER A 785 -19.18 17.03 -12.50
N LYS A 786 -19.82 16.02 -13.07
CA LYS A 786 -20.57 15.03 -12.31
C LYS A 786 -19.86 13.67 -12.15
N TRP A 787 -18.73 13.47 -12.83
CA TRP A 787 -18.11 12.14 -12.75
C TRP A 787 -16.60 12.10 -12.85
N VAL A 788 -15.98 13.10 -13.47
CA VAL A 788 -14.53 13.07 -13.70
C VAL A 788 -13.76 13.08 -12.39
N GLU A 789 -14.08 14.02 -11.50
CA GLU A 789 -13.30 14.12 -10.28
C GLU A 789 -13.44 12.82 -9.45
N GLU A 790 -14.64 12.23 -9.48
CA GLU A 790 -14.92 10.97 -8.83
C GLU A 790 -14.03 9.86 -9.40
N LEU A 791 -13.86 9.84 -10.72
CA LEU A 791 -12.96 8.85 -11.33
C LEU A 791 -11.50 9.06 -10.89
N MET A 792 -11.05 10.30 -10.88
CA MET A 792 -9.65 10.62 -10.52
C MET A 792 -9.33 10.24 -9.08
N LYS A 793 -10.27 10.53 -8.17
CA LYS A 793 -10.14 10.13 -6.77
C LYS A 793 -9.99 8.63 -6.61
N MET A 794 -10.73 7.83 -7.37
CA MET A 794 -10.61 6.37 -7.34
CA MET A 794 -10.59 6.38 -7.30
C MET A 794 -9.20 5.93 -7.72
N HIS A 795 -8.55 6.75 -8.57
CA HIS A 795 -7.23 6.44 -9.17
C HIS A 795 -6.09 7.25 -8.60
N THR A 796 -6.32 7.69 -7.36
CA THR A 796 -5.34 8.36 -6.57
C THR A 796 -4.09 7.47 -6.45
N ALA A 797 -2.89 8.03 -6.27
CA ALA A 797 -1.66 7.20 -6.26
C ALA A 797 -0.58 7.82 -5.42
N ARG A 798 0.45 7.03 -5.08
CA ARG A 798 1.56 7.55 -4.31
C ARG A 798 2.54 8.07 -5.33
N VAL A 799 3.42 9.02 -5.01
CA VAL A 799 4.42 9.37 -6.01
C VAL A 799 5.28 8.13 -6.36
N ARG A 800 5.52 7.31 -5.35
CA ARG A 800 6.34 6.13 -5.50
C ARG A 800 5.77 5.13 -6.51
N ASP A 801 4.44 5.02 -6.58
CA ASP A 801 3.78 4.16 -7.62
C ASP A 801 4.15 4.64 -9.02
N ILE A 802 4.12 5.96 -9.21
CA ILE A 802 4.48 6.55 -10.51
C ILE A 802 5.96 6.37 -10.85
N GLU A 803 6.81 6.51 -9.85
CA GLU A 803 8.23 6.17 -9.99
C GLU A 803 8.46 4.75 -10.51
N HIS A 804 7.81 3.74 -9.91
CA HIS A 804 7.97 2.36 -10.37
C HIS A 804 7.54 2.27 -11.82
N LEU A 805 6.44 2.95 -12.14
CA LEU A 805 5.85 2.85 -13.44
C LEU A 805 6.56 3.61 -14.56
N THR A 806 7.46 4.53 -14.21
CA THR A 806 8.14 5.36 -15.22
C THR A 806 9.67 5.27 -15.20
N GLY A 807 10.25 4.72 -14.14
CA GLY A 807 11.71 4.72 -14.01
C GLY A 807 12.30 6.10 -13.71
N LEU A 808 11.49 6.97 -13.12
CA LEU A 808 11.88 8.32 -12.84
C LEU A 808 12.00 8.48 -11.34
N ASP A 809 12.84 9.42 -10.90
CA ASP A 809 12.98 9.72 -9.49
C ASP A 809 12.75 11.23 -9.28
N PHE A 810 11.72 11.58 -8.53
CA PHE A 810 11.28 12.98 -8.35
C PHE A 810 11.87 13.66 -7.09
N TYR A 811 11.61 14.96 -6.95
CA TYR A 811 12.03 15.75 -5.74
C TYR A 811 13.53 15.63 -5.41
N ARG A 812 14.34 15.74 -6.45
CA ARG A 812 15.78 15.54 -6.36
C ARG A 812 16.48 16.76 -5.73
N LYS A 813 15.88 17.93 -5.87
CA LYS A 813 16.48 19.19 -5.35
C LYS A 813 15.49 19.98 -4.52
N THR A 814 15.43 19.74 -3.22
CA THR A 814 14.53 20.52 -2.35
C THR A 814 15.37 20.90 -1.14
N SER A 815 14.80 21.69 -0.23
CA SER A 815 15.50 22.00 1.02
C SER A 815 15.15 21.01 2.12
N ARG A 816 14.35 19.98 1.79
CA ARG A 816 13.82 19.01 2.80
C ARG A 816 14.77 17.82 2.95
N SER A 817 14.80 17.17 4.12
CA SER A 817 15.69 16.02 4.28
C SER A 817 15.19 14.84 3.41
N TYR A 818 16.10 13.93 3.07
CA TYR A 818 15.74 12.81 2.21
C TYR A 818 14.74 11.87 2.86
N SER A 819 14.90 11.60 4.15
CA SER A 819 13.88 10.84 4.88
C SER A 819 12.49 11.43 4.78
N GLU A 820 12.37 12.75 4.99
CA GLU A 820 11.08 13.46 4.81
C GLU A 820 10.51 13.32 3.38
N ILE A 821 11.35 13.53 2.38
CA ILE A 821 10.96 13.31 0.97
C ILE A 821 10.49 11.87 0.71
N LEU A 822 11.18 10.88 1.27
CA LEU A 822 10.73 9.49 1.11
C LEU A 822 9.31 9.23 1.69
N THR A 823 9.02 9.87 2.83
CA THR A 823 7.70 9.81 3.46
C THR A 823 6.69 10.51 2.54
N LEU A 824 7.06 11.68 2.03
CA LEU A 824 6.22 12.36 1.03
C LEU A 824 5.92 11.48 -0.20
N LYS A 825 6.93 10.73 -0.69
CA LYS A 825 6.73 9.91 -1.86
C LYS A 825 5.81 8.71 -1.56
N THR A 826 5.65 8.29 -0.29
CA THR A 826 4.77 7.16 0.01
C THR A 826 3.37 7.59 0.39
N TYR A 827 3.18 8.91 0.57
CA TYR A 827 1.86 9.46 0.89
C TYR A 827 0.79 9.10 -0.19
N LEU A 828 -0.39 8.67 0.27
CA LEU A 828 -1.59 8.54 -0.60
C LEU A 828 -2.68 9.53 -0.14
N HIS A 829 -3.22 10.33 -1.05
CA HIS A 829 -4.36 11.16 -0.70
C HIS A 829 -5.59 10.28 -0.92
N THR A 830 -6.28 9.96 0.18
N THR A 830 -6.22 9.86 0.16
CA THR A 830 -7.29 8.92 0.21
CA THR A 830 -7.54 9.30 0.04
C THR A 830 -8.68 9.43 -0.21
C THR A 830 -8.44 10.48 0.36
N TYR A 831 -8.98 10.68 0.13
N TYR A 831 -9.59 10.52 -0.29
CA TYR A 831 -10.29 11.27 -0.16
CA TYR A 831 -10.53 11.57 -0.03
C TYR A 831 -11.43 10.67 0.67
C TYR A 831 -11.50 11.10 1.04
N GLU A 832 -11.08 10.13 1.84
CA GLU A 832 -12.02 9.57 2.82
C GLU A 832 -12.32 10.69 3.83
N SER A 833 -13.44 10.63 4.54
CA SER A 833 -13.64 11.63 5.60
C SER A 833 -12.59 11.44 6.74
N GLU A 834 -12.60 12.35 7.72
CA GLU A 834 -11.57 12.39 8.79
C GLU A 834 -11.01 11.03 9.22
C1 NAG B . 7.58 -5.48 -5.22
C2 NAG B . 7.79 -5.05 -6.66
C3 NAG B . 8.17 -6.29 -7.51
C4 NAG B . 9.34 -7.11 -6.92
C5 NAG B . 9.15 -7.31 -5.42
C6 NAG B . 10.44 -7.85 -4.78
C7 NAG B . 6.53 -3.14 -7.55
C8 NAG B . 5.21 -2.65 -8.08
N2 NAG B . 6.56 -4.41 -7.16
O3 NAG B . 8.48 -5.99 -8.88
O4 NAG B . 9.37 -8.43 -7.47
O5 NAG B . 8.81 -6.08 -4.79
O6 NAG B . 11.51 -6.97 -5.10
O7 NAG B . 7.54 -2.42 -7.48
C1 NAG B . 10.52 -8.78 -8.23
C2 NAG B . 10.54 -10.33 -8.21
C3 NAG B . 11.69 -10.89 -9.04
C4 NAG B . 11.73 -10.22 -10.43
C5 NAG B . 11.55 -8.68 -10.37
C6 NAG B . 11.44 -8.05 -11.75
C7 NAG B . 9.39 -11.21 -6.21
C8 NAG B . 9.52 -11.78 -4.81
N2 NAG B . 10.53 -10.90 -6.86
O3 NAG B . 11.47 -12.29 -9.20
O4 NAG B . 12.95 -10.53 -11.08
O5 NAG B . 10.41 -8.34 -9.59
O6 NAG B . 10.22 -8.45 -12.38
O7 NAG B . 8.26 -11.04 -6.67
C1 BMA B . 12.83 -11.66 -11.97
C2 BMA B . 13.67 -11.38 -13.21
C3 BMA B . 13.78 -12.64 -14.10
C4 BMA B . 14.27 -13.83 -13.26
C5 BMA B . 13.26 -14.03 -12.13
C6 BMA B . 13.51 -15.29 -11.30
O2 BMA B . 14.94 -10.95 -12.77
O3 BMA B . 14.60 -12.42 -15.25
O4 BMA B . 14.34 -15.01 -14.01
O5 BMA B . 13.25 -12.86 -11.31
O6 BMA B . 12.51 -15.23 -10.31
C1 MAN B . 12.59 -16.28 -9.32
C2 MAN B . 11.16 -16.44 -8.77
C3 MAN B . 10.80 -15.40 -7.68
C4 MAN B . 11.93 -15.24 -6.66
C5 MAN B . 13.24 -14.94 -7.43
C6 MAN B . 14.44 -14.49 -6.58
O2 MAN B . 11.01 -17.76 -8.31
O3 MAN B . 9.59 -15.67 -7.00
O4 MAN B . 11.63 -14.25 -5.69
O5 MAN B . 13.54 -16.05 -8.28
O6 MAN B . 14.89 -15.49 -5.69
C1 MAN B . 8.38 -15.50 -7.79
C2 MAN B . 7.25 -14.89 -6.94
C3 MAN B . 6.83 -15.86 -5.81
C4 MAN B . 6.58 -17.29 -6.35
C5 MAN B . 7.66 -17.73 -7.37
C6 MAN B . 7.31 -19.08 -8.01
O2 MAN B . 6.10 -14.67 -7.74
O3 MAN B . 5.67 -15.38 -5.14
O4 MAN B . 6.51 -18.22 -5.29
O5 MAN B . 7.93 -16.72 -8.36
O6 MAN B . 7.24 -18.95 -9.41
C1 MAN B . 5.92 -13.30 -8.17
C2 MAN B . 4.51 -13.17 -8.77
C3 MAN B . 4.49 -13.91 -10.10
C4 MAN B . 5.61 -13.44 -11.05
C5 MAN B . 6.99 -13.46 -10.37
C6 MAN B . 8.11 -12.81 -11.22
O2 MAN B . 4.12 -11.81 -8.95
O3 MAN B . 3.21 -13.73 -10.65
O4 MAN B . 5.63 -14.22 -12.24
O5 MAN B . 6.93 -12.84 -9.09
O6 MAN B . 9.39 -13.17 -10.74
C13 Y7E C . -4.81 -16.56 15.66
C15 Y7E C . -2.71 -21.18 11.25
C18 Y7E C . 1.76 -23.94 7.94
C19 Y7E C . 1.86 -25.11 8.81
C20 Y7E C . 1.03 -25.22 9.90
C21 Y7E C . 0.86 -22.92 8.23
C23 Y7E C . 2.55 -22.53 6.03
C24 Y7E C . 3.66 -22.51 5.00
C26 Y7E C . 5.14 -23.82 6.51
C27 Y7E C . 4.00 -23.83 7.49
C28 Y7E C . 0.07 -23.03 9.32
C1 Y7E C . -0.19 -16.41 8.79
C2 Y7E C . 1.04 -15.83 9.17
C3 Y7E C . 1.52 -15.78 10.49
C4 Y7E C . 0.71 -16.36 11.48
C5 Y7E C . -0.54 -16.99 11.12
C6 Y7E C . -0.97 -17.02 9.79
C7 Y7E C . -1.39 -17.60 12.25
C8 Y7E C . -2.35 -16.46 12.72
C9 Y7E C . -3.00 -16.87 14.06
N10 Y7E C . -4.16 -16.25 14.41
O11 Y7E C . -2.50 -17.71 14.82
N12 Y7E C . -2.25 -18.71 11.84
C14 Y7E C . -1.73 -19.99 11.69
O16 Y7E C . -0.49 -20.16 11.89
N17 Y7E C . -1.75 -22.19 10.80
N22 Y7E C . 2.66 -23.76 6.84
N25 Y7E C . 4.99 -22.67 5.61
C29 Y7E C . 0.13 -24.16 10.16
N30 Y7E C . -0.70 -24.28 11.28
C31 Y7E C . -1.57 -23.34 11.58
C32 Y7E C . -0.91 -21.98 9.62
O33 Y7E C . -1.08 -20.99 8.94
C34 Y7E C . 5.99 -21.66 5.51
C35 Y7E C . 5.77 -20.56 4.49
O36 Y7E C . 7.02 -21.66 6.24
N37 Y7E C . 1.86 -15.20 8.11
O38 Y7E C . 2.94 -14.68 8.42
O39 Y7E C . 1.41 -15.24 7.01
C ACT D . -15.87 1.52 -1.31
O ACT D . -15.31 2.61 -1.60
OXT ACT D . -16.91 1.48 -0.61
CH3 ACT D . -15.21 0.23 -1.77
K K E . -7.88 9.73 -35.22
CA CA F . -7.78 -10.95 10.05
ZN ZN G . -12.20 -11.82 9.71
NA NA H . -20.03 5.29 -18.66
CA CA I . 5.38 -3.30 -16.98
CL CL J . -10.34 -14.12 -0.63
#